data_3EYV
#
_entry.id   3EYV
#
_cell.length_a   78.752
_cell.length_b   101.467
_cell.length_c   114.998
_cell.angle_alpha   90.00
_cell.angle_beta   90.00
_cell.angle_gamma   90.00
#
_symmetry.space_group_name_H-M   'P 21 21 21'
#
loop_
_entity.id
_entity.type
_entity.pdbx_description
1 polymer 'hu3S193 Fab, light chain'
2 polymer 'hu3S193 Fab, heavy chain'
3 branched alpha-L-fucopyranose-(1-2)-beta-D-galactopyranose-(1-4)-[alpha-L-fucopyranose-(1-3)]2-acetamido-2-deoxy-alpha-D-glucopyranose
4 non-polymer 'ZINC ION'
5 non-polymer GLYCEROL
6 water water
#
loop_
_entity_poly.entity_id
_entity_poly.type
_entity_poly.pdbx_seq_one_letter_code
_entity_poly.pdbx_strand_id
1 'polypeptide(L)'
;DIQMTQSPSSLSASVGDRVTITCRSSQRIVHSNGNTYLEWYQQTPGKAPKLLIYKVSNRFSGVPSRFSGSGSGTDFTFTI
SSLQPEDIATYYCFQGSHVPFTFGQGTKLQITRTVAAPSVFIFPPSDEQLKSGTASVVCLLNNFYPREAKVQWKVDNALQ
SGNSQESVTEQDSKDSTYSLSSTLTLSKADYEKHKVYACEVTHQGLSSPVTKSFNRGEC
;
L,A
2 'polypeptide(L)'
;EVQLVESGGGVVQPGRSLRLSCSTSGFTFSDYYMYWVRQAPGKGLEWVAYMSNVGAITDYPDTVKGRFTISRDNSKNTLF
LQMDSLRPEDTGVYFCARGTRDGSWFAYWGQGTPVTVSSASTKGPSVFPLAPSSKSTSGGTAALGCLVKDYFPQPVTVSW
NSGALTSGVHTFPAVLQSSGLYSLSSVVTVPSSSLGTQTYICNVNHKPSNTKVDKKVEPKSC
;
H,B
#
loop_
_chem_comp.id
_chem_comp.type
_chem_comp.name
_chem_comp.formula
FUC L-saccharide, alpha linking alpha-L-fucopyranose 'C6 H12 O5'
GAL D-saccharide, beta linking beta-D-galactopyranose 'C6 H12 O6'
GOL non-polymer GLYCEROL 'C3 H8 O3'
NDG D-saccharide, alpha linking 2-acetamido-2-deoxy-alpha-D-glucopyranose 'C8 H15 N O6'
ZN non-polymer 'ZINC ION' 'Zn 2'
#
# COMPACT_ATOMS: atom_id res chain seq x y z
N ASP A 1 17.71 35.75 2.72
CA ASP A 1 16.58 35.20 3.52
C ASP A 1 15.28 35.42 2.77
N ILE A 2 15.21 34.94 1.53
CA ILE A 2 13.99 35.10 0.74
C ILE A 2 12.85 34.25 1.31
N GLN A 3 11.84 34.91 1.89
CA GLN A 3 10.72 34.18 2.46
C GLN A 3 9.69 33.78 1.42
N MET A 4 9.11 32.60 1.63
CA MET A 4 8.10 32.08 0.74
C MET A 4 6.77 31.98 1.48
N THR A 5 5.74 32.62 0.95
CA THR A 5 4.44 32.58 1.60
C THR A 5 3.34 32.02 0.72
N GLN A 6 2.72 30.94 1.18
CA GLN A 6 1.63 30.31 0.46
C GLN A 6 0.29 30.76 1.00
N SER A 7 -0.75 30.59 0.17
CA SER A 7 -2.13 30.93 0.51
C SER A 7 -3.09 30.01 -0.24
N PRO A 8 -4.11 29.51 0.46
CA PRO A 8 -4.32 29.79 1.87
C PRO A 8 -3.50 28.75 2.66
N SER A 9 -3.58 28.74 3.98
CA SER A 9 -2.84 27.73 4.74
C SER A 9 -3.50 26.37 4.57
N SER A 10 -4.81 26.40 4.25
CA SER A 10 -5.59 25.18 4.03
C SER A 10 -6.89 25.53 3.33
N LEU A 11 -7.37 24.64 2.47
CA LEU A 11 -8.62 24.88 1.76
C LEU A 11 -9.29 23.58 1.39
N SER A 12 -10.62 23.59 1.34
CA SER A 12 -11.38 22.39 1.00
C SER A 12 -12.23 22.62 -0.24
N ALA A 13 -12.36 21.59 -1.07
CA ALA A 13 -13.15 21.67 -2.28
C ALA A 13 -13.74 20.31 -2.55
N SER A 14 -14.75 20.26 -3.39
CA SER A 14 -15.41 19.00 -3.74
C SER A 14 -14.64 18.21 -4.77
N VAL A 15 -14.77 16.89 -4.70
CA VAL A 15 -14.11 16.00 -5.64
C VAL A 15 -14.55 16.37 -7.06
N GLY A 16 -13.65 17.00 -7.80
CA GLY A 16 -13.95 17.39 -9.16
C GLY A 16 -13.66 18.87 -9.39
N ASP A 17 -13.80 19.66 -8.34
CA ASP A 17 -13.55 21.09 -8.41
C ASP A 17 -12.09 21.39 -8.77
N ARG A 18 -11.85 22.62 -9.22
CA ARG A 18 -10.53 23.10 -9.59
C ARG A 18 -10.00 23.89 -8.39
N VAL A 19 -8.75 23.65 -8.00
CA VAL A 19 -8.18 24.38 -6.87
C VAL A 19 -6.83 25.01 -7.23
N THR A 20 -6.52 26.12 -6.57
CA THR A 20 -5.25 26.79 -6.82
C THR A 20 -4.60 27.26 -5.52
N ILE A 21 -3.28 27.15 -5.45
CA ILE A 21 -2.49 27.54 -4.29
C ILE A 21 -1.47 28.54 -4.78
N THR A 22 -1.30 29.65 -4.06
CA THR A 22 -0.32 30.64 -4.51
C THR A 22 0.89 30.66 -3.58
N CYS A 23 2.01 31.10 -4.13
CA CYS A 23 3.25 31.16 -3.41
C CYS A 23 3.90 32.47 -3.79
N ARG A 24 4.24 33.29 -2.80
CA ARG A 24 4.88 34.56 -3.11
C ARG A 24 6.20 34.70 -2.39
N SER A 25 7.22 35.12 -3.13
CA SER A 25 8.55 35.31 -2.59
C SER A 25 8.75 36.78 -2.25
N SER A 26 9.45 37.04 -1.15
CA SER A 26 9.70 38.41 -0.71
C SER A 26 10.66 39.18 -1.64
N GLN A 27 11.21 38.49 -2.64
CA GLN A 27 12.11 39.10 -3.61
C GLN A 27 12.06 38.28 -4.90
N ARG A 28 12.44 38.87 -6.03
CA ARG A 28 12.41 38.11 -7.28
C ARG A 28 13.26 36.85 -7.08
N ILE A 29 12.87 35.76 -7.74
CA ILE A 29 13.61 34.51 -7.62
C ILE A 29 14.12 33.98 -8.95
N VAL A 30 14.86 34.82 -9.67
CA VAL A 30 15.43 34.40 -10.94
C VAL A 30 16.91 34.15 -10.68
N HIS A 31 17.35 32.93 -10.94
CA HIS A 31 18.74 32.54 -10.73
C HIS A 31 19.62 33.41 -11.63
N SER A 32 20.89 33.57 -11.25
CA SER A 32 21.78 34.38 -12.06
C SER A 32 21.87 33.82 -13.48
N ASN A 33 21.59 32.52 -13.65
CA ASN A 33 21.67 31.93 -14.98
C ASN A 33 20.41 32.13 -15.79
N GLY A 34 19.45 32.85 -15.23
CA GLY A 34 18.22 33.13 -15.95
C GLY A 34 17.03 32.23 -15.63
N ASN A 35 17.29 31.02 -15.13
CA ASN A 35 16.20 30.11 -14.78
C ASN A 35 15.54 30.54 -13.48
N THR A 36 14.30 30.12 -13.29
CA THR A 36 13.57 30.42 -12.08
C THR A 36 13.27 29.04 -11.51
N TYR A 37 13.98 28.69 -10.45
CA TYR A 37 13.81 27.37 -9.86
C TYR A 37 12.80 27.31 -8.73
N LEU A 38 11.53 27.51 -9.08
CA LEU A 38 10.44 27.46 -8.12
C LEU A 38 9.84 26.08 -8.33
N GLU A 39 9.76 25.29 -7.27
CA GLU A 39 9.22 23.95 -7.41
C GLU A 39 8.03 23.74 -6.50
N TRP A 40 7.30 22.65 -6.75
CA TRP A 40 6.14 22.31 -5.93
C TRP A 40 6.25 20.87 -5.43
N TYR A 41 5.97 20.70 -4.15
CA TYR A 41 6.05 19.37 -3.53
C TYR A 41 4.76 18.98 -2.85
N GLN A 42 4.51 17.66 -2.82
CA GLN A 42 3.33 17.11 -2.20
C GLN A 42 3.76 16.07 -1.18
N GLN A 43 3.24 16.17 0.03
CA GLN A 43 3.60 15.20 1.05
C GLN A 43 2.42 14.74 1.85
N THR A 44 2.51 13.51 2.33
CA THR A 44 1.46 12.92 3.15
C THR A 44 2.19 12.36 4.37
N PRO A 45 1.49 12.28 5.52
CA PRO A 45 2.07 11.77 6.78
C PRO A 45 2.97 10.55 6.66
N GLY A 46 4.14 10.64 7.32
CA GLY A 46 5.09 9.54 7.32
C GLY A 46 5.80 9.20 6.01
N LYS A 47 5.57 10.00 4.97
CA LYS A 47 6.21 9.74 3.69
C LYS A 47 7.12 10.86 3.24
N ALA A 48 7.98 10.57 2.28
CA ALA A 48 8.88 11.57 1.76
C ALA A 48 8.09 12.41 0.75
N PRO A 49 8.36 13.73 0.71
CA PRO A 49 7.66 14.62 -0.22
C PRO A 49 7.91 14.15 -1.64
N LYS A 50 6.97 14.44 -2.54
CA LYS A 50 7.12 14.07 -3.95
C LYS A 50 7.16 15.34 -4.79
N LEU A 51 8.13 15.42 -5.68
CA LEU A 51 8.27 16.56 -6.58
C LEU A 51 7.13 16.49 -7.57
N LEU A 52 6.47 17.63 -7.80
CA LEU A 52 5.36 17.70 -8.75
C LEU A 52 5.74 18.60 -9.92
N ILE A 53 6.06 19.84 -9.59
CA ILE A 53 6.45 20.84 -10.56
C ILE A 53 7.80 21.44 -10.21
N TYR A 54 8.63 21.68 -11.21
CA TYR A 54 9.94 22.30 -11.02
C TYR A 54 10.17 23.31 -12.14
N LYS A 55 11.00 24.31 -11.86
CA LYS A 55 11.28 25.35 -12.84
C LYS A 55 9.98 25.99 -13.27
N VAL A 56 9.16 26.28 -12.27
CA VAL A 56 7.86 26.94 -12.42
C VAL A 56 6.75 26.11 -13.04
N SER A 57 6.95 25.63 -14.25
CA SER A 57 5.92 24.88 -14.94
C SER A 57 6.30 23.53 -15.53
N ASN A 58 7.35 22.90 -15.01
CA ASN A 58 7.74 21.60 -15.52
C ASN A 58 7.22 20.47 -14.64
N ARG A 59 6.38 19.64 -15.23
CA ARG A 59 5.80 18.51 -14.51
C ARG A 59 6.79 17.38 -14.47
N PHE A 60 7.15 16.98 -13.25
CA PHE A 60 8.10 15.89 -13.11
C PHE A 60 7.49 14.61 -13.65
N SER A 61 8.33 13.83 -14.32
CA SER A 61 7.92 12.57 -14.91
C SER A 61 7.19 11.71 -13.90
N GLY A 62 5.99 11.27 -14.25
CA GLY A 62 5.21 10.42 -13.35
C GLY A 62 4.11 11.15 -12.62
N VAL A 63 4.07 12.48 -12.75
CA VAL A 63 3.06 13.28 -12.08
C VAL A 63 1.86 13.48 -13.01
N PRO A 64 0.63 13.38 -12.47
CA PRO A 64 -0.59 13.55 -13.25
C PRO A 64 -0.75 14.92 -13.86
N SER A 65 -1.24 14.93 -15.10
CA SER A 65 -1.42 16.15 -15.84
C SER A 65 -2.52 17.06 -15.28
N ARG A 66 -3.17 16.62 -14.22
CA ARG A 66 -4.22 17.46 -13.62
C ARG A 66 -3.58 18.46 -12.68
N PHE A 67 -2.25 18.37 -12.58
CA PHE A 67 -1.46 19.28 -11.76
C PHE A 67 -0.66 20.16 -12.71
N SER A 68 -0.51 21.43 -12.39
CA SER A 68 0.25 22.32 -13.24
C SER A 68 0.76 23.47 -12.39
N GLY A 69 1.72 24.22 -12.93
CA GLY A 69 2.28 25.33 -12.20
C GLY A 69 2.53 26.52 -13.11
N SER A 70 2.48 27.71 -12.54
CA SER A 70 2.69 28.89 -13.36
C SER A 70 3.13 30.11 -12.54
N GLY A 71 3.50 31.18 -13.25
CA GLY A 71 3.90 32.38 -12.56
C GLY A 71 5.25 32.95 -12.95
N SER A 72 5.57 34.09 -12.33
CA SER A 72 6.81 34.79 -12.57
C SER A 72 6.97 35.87 -11.50
N GLY A 73 8.11 36.56 -11.51
CA GLY A 73 8.34 37.62 -10.53
C GLY A 73 8.35 37.17 -9.09
N THR A 74 7.32 37.54 -8.34
CA THR A 74 7.25 37.17 -6.94
C THR A 74 5.98 36.38 -6.63
N ASP A 75 5.17 36.11 -7.66
CA ASP A 75 3.93 35.39 -7.46
C ASP A 75 3.84 34.15 -8.33
N PHE A 76 3.59 33.01 -7.68
CA PHE A 76 3.47 31.74 -8.38
C PHE A 76 2.25 30.99 -7.89
N THR A 77 1.72 30.13 -8.74
CA THR A 77 0.53 29.38 -8.35
C THR A 77 0.61 27.95 -8.79
N PHE A 78 0.03 27.08 -7.98
CA PHE A 78 -0.02 25.65 -8.26
C PHE A 78 -1.50 25.38 -8.47
N THR A 79 -1.85 24.62 -9.49
CA THR A 79 -3.27 24.37 -9.71
C THR A 79 -3.55 22.91 -9.98
N ILE A 80 -4.68 22.45 -9.47
CA ILE A 80 -5.13 21.09 -9.67
C ILE A 80 -6.44 21.29 -10.42
N SER A 81 -6.50 20.76 -11.64
CA SER A 81 -7.68 20.92 -12.50
C SER A 81 -8.94 20.29 -11.93
N SER A 82 -8.87 19.00 -11.61
CA SER A 82 -10.02 18.27 -11.08
C SER A 82 -9.68 17.52 -9.79
N LEU A 83 -9.74 18.23 -8.67
CA LEU A 83 -9.43 17.68 -7.36
C LEU A 83 -9.97 16.26 -7.14
N GLN A 84 -9.19 15.41 -6.50
CA GLN A 84 -9.63 14.04 -6.21
C GLN A 84 -9.28 13.68 -4.76
N PRO A 85 -9.95 12.66 -4.20
CA PRO A 85 -9.68 12.26 -2.82
C PRO A 85 -8.22 11.95 -2.49
N GLU A 86 -7.45 11.51 -3.47
CA GLU A 86 -6.04 11.19 -3.22
C GLU A 86 -5.11 12.40 -3.24
N ASP A 87 -5.65 13.60 -3.43
CA ASP A 87 -4.84 14.81 -3.42
C ASP A 87 -4.87 15.40 -2.03
N ILE A 88 -5.47 14.64 -1.11
CA ILE A 88 -5.52 15.07 0.29
C ILE A 88 -4.08 14.94 0.78
N ALA A 89 -3.42 16.07 0.95
CA ALA A 89 -2.04 16.08 1.38
C ALA A 89 -1.63 17.51 1.65
N THR A 90 -0.35 17.70 1.96
CA THR A 90 0.18 19.02 2.21
C THR A 90 1.03 19.38 1.00
N TYR A 91 0.96 20.63 0.56
CA TYR A 91 1.72 21.10 -0.59
C TYR A 91 2.60 22.26 -0.21
N TYR A 92 3.89 22.15 -0.51
CA TYR A 92 4.82 23.24 -0.22
C TYR A 92 5.46 23.69 -1.54
N CYS A 93 5.81 24.98 -1.62
CA CYS A 93 6.52 25.47 -2.78
C CYS A 93 7.97 25.62 -2.31
N PHE A 94 8.90 25.51 -3.24
CA PHE A 94 10.31 25.60 -2.90
C PHE A 94 11.03 26.51 -3.86
N GLN A 95 12.04 27.19 -3.35
CA GLN A 95 12.83 28.12 -4.13
C GLN A 95 14.30 27.76 -4.03
N GLY A 96 14.91 27.46 -5.18
CA GLY A 96 16.31 27.10 -5.20
C GLY A 96 17.13 28.07 -6.04
N SER A 97 16.57 29.23 -6.32
CA SER A 97 17.25 30.25 -7.13
C SER A 97 18.27 31.06 -6.34
N HIS A 98 18.00 31.25 -5.05
CA HIS A 98 18.88 32.01 -4.16
C HIS A 98 19.17 31.23 -2.87
N VAL A 99 20.45 31.09 -2.54
CA VAL A 99 20.84 30.39 -1.32
C VAL A 99 20.69 31.39 -0.17
N PRO A 100 20.22 30.95 0.99
CA PRO A 100 19.78 29.58 1.28
C PRO A 100 18.43 29.28 0.65
N PHE A 101 18.30 28.06 0.13
CA PHE A 101 17.07 27.62 -0.50
C PHE A 101 15.97 27.59 0.55
N THR A 102 14.79 28.09 0.20
CA THR A 102 13.69 28.09 1.17
C THR A 102 12.36 27.51 0.70
N PHE A 103 11.68 26.83 1.63
CA PHE A 103 10.38 26.20 1.42
C PHE A 103 9.25 27.12 1.92
N GLY A 104 8.05 26.94 1.35
CA GLY A 104 6.92 27.72 1.78
C GLY A 104 6.42 27.03 3.05
N GLN A 105 5.51 27.66 3.78
CA GLN A 105 5.00 27.07 5.02
C GLN A 105 4.12 25.86 4.78
N GLY A 106 3.62 25.70 3.57
CA GLY A 106 2.79 24.55 3.28
C GLY A 106 1.30 24.85 3.33
N THR A 107 0.55 24.14 2.50
CA THR A 107 -0.89 24.30 2.43
C THR A 107 -1.56 22.94 2.52
N LYS A 108 -2.48 22.79 3.48
CA LYS A 108 -3.21 21.54 3.63
C LYS A 108 -4.41 21.56 2.70
N LEU A 109 -4.70 20.42 2.08
CA LEU A 109 -5.82 20.31 1.17
C LEU A 109 -6.77 19.19 1.57
N GLN A 110 -8.02 19.55 1.86
CA GLN A 110 -9.06 18.60 2.28
C GLN A 110 -10.15 18.44 1.22
N ILE A 111 -11.01 17.45 1.42
CA ILE A 111 -12.12 17.24 0.51
C ILE A 111 -13.43 17.62 1.19
N THR A 112 -14.29 18.30 0.45
CA THR A 112 -15.59 18.71 0.97
C THR A 112 -16.57 17.62 0.58
N ARG A 113 -17.18 16.98 1.56
CA ARG A 113 -18.13 15.93 1.24
C ARG A 113 -19.39 16.11 2.08
N THR A 114 -20.34 15.20 1.93
CA THR A 114 -21.58 15.27 2.69
C THR A 114 -21.31 14.86 4.13
N VAL A 115 -22.10 15.38 5.05
CA VAL A 115 -21.92 15.05 6.46
C VAL A 115 -22.12 13.55 6.66
N ALA A 116 -21.38 12.99 7.61
CA ALA A 116 -21.46 11.57 7.89
C ALA A 116 -21.31 11.35 9.38
N ALA A 117 -22.33 10.73 9.97
CA ALA A 117 -22.32 10.45 11.40
C ALA A 117 -21.23 9.44 11.74
N PRO A 118 -20.65 9.57 12.93
CA PRO A 118 -19.59 8.67 13.36
C PRO A 118 -20.16 7.45 14.08
N SER A 119 -19.47 6.31 13.97
CA SER A 119 -19.84 5.10 14.68
C SER A 119 -19.04 5.27 15.95
N VAL A 120 -19.57 4.84 17.07
CA VAL A 120 -18.87 4.99 18.33
C VAL A 120 -18.72 3.66 19.05
N PHE A 121 -17.48 3.37 19.45
CA PHE A 121 -17.12 2.13 20.14
C PHE A 121 -16.29 2.51 21.37
N ILE A 122 -16.44 1.76 22.46
CA ILE A 122 -15.65 2.06 23.64
C ILE A 122 -14.89 0.82 24.08
N PHE A 123 -13.66 1.00 24.53
CA PHE A 123 -12.82 -0.12 24.95
C PHE A 123 -12.35 0.02 26.40
N PRO A 124 -12.73 -0.92 27.26
CA PRO A 124 -12.30 -0.85 28.65
C PRO A 124 -10.81 -1.23 28.71
N PRO A 125 -10.18 -1.06 29.89
CA PRO A 125 -8.77 -1.41 30.02
C PRO A 125 -8.60 -2.91 29.88
N SER A 126 -7.51 -3.35 29.26
CA SER A 126 -7.29 -4.78 29.11
C SER A 126 -6.84 -5.34 30.46
N ASP A 127 -7.06 -6.62 30.67
CA ASP A 127 -6.65 -7.25 31.91
C ASP A 127 -5.14 -7.15 32.05
N GLU A 128 -4.43 -7.53 30.99
CA GLU A 128 -2.98 -7.50 31.02
C GLU A 128 -2.40 -6.11 31.22
N GLN A 129 -3.21 -5.08 30.98
CA GLN A 129 -2.71 -3.72 31.19
C GLN A 129 -2.84 -3.36 32.66
N LEU A 130 -3.93 -3.80 33.28
CA LEU A 130 -4.14 -3.49 34.69
C LEU A 130 -3.01 -4.07 35.56
N LYS A 131 -2.50 -5.25 35.17
CA LYS A 131 -1.41 -5.85 35.92
C LYS A 131 -0.18 -4.94 35.78
N SER A 132 -0.26 -3.99 34.86
CA SER A 132 0.84 -3.04 34.64
C SER A 132 0.71 -1.92 35.65
N GLY A 133 -0.47 -1.77 36.24
CA GLY A 133 -0.69 -0.74 37.23
C GLY A 133 -1.35 0.52 36.68
N THR A 134 -1.70 0.48 35.39
CA THR A 134 -2.36 1.62 34.75
C THR A 134 -3.61 1.15 34.03
N ALA A 135 -4.53 2.06 33.73
CA ALA A 135 -5.76 1.71 33.04
C ALA A 135 -6.06 2.75 31.97
N SER A 136 -6.24 2.28 30.75
CA SER A 136 -6.56 3.21 29.66
C SER A 136 -7.88 2.81 29.08
N VAL A 137 -8.79 3.77 28.99
CA VAL A 137 -10.10 3.52 28.41
C VAL A 137 -10.05 4.24 27.06
N VAL A 138 -10.39 3.53 25.98
CA VAL A 138 -10.35 4.12 24.66
C VAL A 138 -11.70 4.26 24.01
N CYS A 139 -11.97 5.43 23.43
CA CYS A 139 -13.24 5.70 22.77
C CYS A 139 -12.91 5.93 21.29
N LEU A 140 -13.66 5.27 20.41
CA LEU A 140 -13.42 5.40 18.97
C LEU A 140 -14.57 5.99 18.16
N LEU A 141 -14.24 6.96 17.31
CA LEU A 141 -15.19 7.60 16.42
C LEU A 141 -14.73 7.18 15.02
N ASN A 142 -15.56 6.43 14.33
CA ASN A 142 -15.20 5.94 13.01
C ASN A 142 -15.95 6.59 11.84
N ASN A 143 -15.18 6.83 10.77
CA ASN A 143 -15.65 7.43 9.52
C ASN A 143 -16.75 8.48 9.57
N PHE A 144 -16.38 9.69 10.01
CA PHE A 144 -17.33 10.80 10.10
C PHE A 144 -16.86 12.02 9.35
N TYR A 145 -17.78 12.97 9.16
CA TYR A 145 -17.50 14.23 8.48
C TYR A 145 -18.62 15.22 8.82
N PRO A 146 -18.27 16.48 9.11
CA PRO A 146 -16.95 17.13 9.16
C PRO A 146 -16.06 16.65 10.31
N ARG A 147 -14.84 17.19 10.35
CA ARG A 147 -13.85 16.83 11.36
C ARG A 147 -14.23 17.25 12.78
N GLU A 148 -14.95 18.36 12.91
CA GLU A 148 -15.34 18.84 14.23
C GLU A 148 -16.16 17.79 14.98
N ALA A 149 -15.81 17.57 16.24
CA ALA A 149 -16.51 16.59 17.05
C ALA A 149 -16.13 16.81 18.50
N LYS A 150 -17.10 16.66 19.38
CA LYS A 150 -16.84 16.83 20.80
C LYS A 150 -16.92 15.47 21.47
N VAL A 151 -15.88 15.11 22.24
CA VAL A 151 -15.87 13.85 22.96
C VAL A 151 -15.64 14.15 24.42
N GLN A 152 -16.62 13.80 25.26
CA GLN A 152 -16.55 14.04 26.69
C GLN A 152 -16.54 12.74 27.48
N TRP A 153 -15.71 12.66 28.52
CA TRP A 153 -15.68 11.45 29.34
C TRP A 153 -16.51 11.69 30.61
N LYS A 154 -17.07 10.62 31.14
CA LYS A 154 -17.87 10.67 32.36
C LYS A 154 -17.60 9.46 33.25
N VAL A 155 -17.10 9.72 34.45
CA VAL A 155 -16.83 8.64 35.39
C VAL A 155 -17.85 8.80 36.51
N ASP A 156 -18.81 7.89 36.55
CA ASP A 156 -19.87 7.94 37.55
C ASP A 156 -20.62 9.26 37.41
N ASN A 157 -20.78 9.70 36.15
CA ASN A 157 -21.47 10.94 35.82
C ASN A 157 -20.60 12.17 35.93
N ALA A 158 -19.44 12.03 36.56
CA ALA A 158 -18.53 13.15 36.69
C ALA A 158 -17.79 13.36 35.37
N LEU A 159 -17.94 14.54 34.75
CA LEU A 159 -17.23 14.81 33.50
C LEU A 159 -15.76 14.96 33.83
N GLN A 160 -14.92 14.27 33.06
CA GLN A 160 -13.48 14.32 33.26
C GLN A 160 -12.85 15.52 32.58
N SER A 161 -11.63 15.86 33.00
CA SER A 161 -10.90 16.98 32.41
C SER A 161 -9.41 16.84 32.70
N GLY A 162 -8.59 17.05 31.67
CA GLY A 162 -7.16 16.95 31.84
C GLY A 162 -6.59 15.55 31.93
N ASN A 163 -7.42 14.52 31.73
CA ASN A 163 -6.90 13.17 31.82
C ASN A 163 -7.28 12.31 30.62
N SER A 164 -7.44 12.96 29.48
CA SER A 164 -7.76 12.27 28.24
C SER A 164 -7.02 12.99 27.11
N GLN A 165 -6.76 12.27 26.03
CA GLN A 165 -6.07 12.87 24.91
C GLN A 165 -6.64 12.27 23.65
N GLU A 166 -6.81 13.09 22.62
CA GLU A 166 -7.34 12.57 21.39
C GLU A 166 -6.42 12.80 20.23
N SER A 167 -6.55 11.91 19.26
CA SER A 167 -5.75 11.94 18.05
C SER A 167 -6.71 11.79 16.87
N VAL A 168 -6.41 12.45 15.76
CA VAL A 168 -7.28 12.37 14.60
C VAL A 168 -6.52 11.96 13.35
N THR A 169 -7.08 11.02 12.61
CA THR A 169 -6.45 10.55 11.39
C THR A 169 -6.56 11.59 10.28
N GLU A 170 -5.76 11.40 9.24
CA GLU A 170 -5.79 12.29 8.08
C GLU A 170 -7.10 11.99 7.38
N GLN A 171 -7.60 12.94 6.62
CA GLN A 171 -8.85 12.74 5.89
C GLN A 171 -8.68 11.57 4.95
N ASP A 172 -9.50 10.53 5.12
CA ASP A 172 -9.44 9.32 4.32
C ASP A 172 -9.44 9.51 2.79
N SER A 173 -8.44 8.92 2.13
CA SER A 173 -8.27 9.02 0.67
C SER A 173 -9.32 8.26 -0.13
N LYS A 174 -10.35 7.79 0.55
CA LYS A 174 -11.41 7.04 -0.12
C LYS A 174 -12.70 7.81 0.04
N ASP A 175 -13.39 7.56 1.16
CA ASP A 175 -14.66 8.22 1.43
C ASP A 175 -14.49 9.62 2.02
N SER A 176 -13.25 10.11 2.06
CA SER A 176 -12.97 11.45 2.56
C SER A 176 -13.55 11.74 3.95
N THR A 177 -13.44 10.77 4.86
CA THR A 177 -13.94 10.96 6.21
C THR A 177 -12.80 10.97 7.23
N TYR A 178 -13.15 11.14 8.49
CA TYR A 178 -12.19 11.19 9.57
C TYR A 178 -12.54 10.15 10.60
N SER A 179 -11.52 9.77 11.37
CA SER A 179 -11.68 8.82 12.44
C SER A 179 -10.91 9.46 13.59
N LEU A 180 -11.31 9.17 14.82
CA LEU A 180 -10.67 9.78 15.97
C LEU A 180 -10.64 8.84 17.14
N SER A 181 -9.69 9.05 18.03
CA SER A 181 -9.61 8.23 19.21
C SER A 181 -9.39 9.16 20.40
N SER A 182 -10.10 8.88 21.48
CA SER A 182 -9.98 9.65 22.72
C SER A 182 -9.59 8.60 23.76
N THR A 183 -8.47 8.83 24.44
CA THR A 183 -8.00 7.89 25.46
C THR A 183 -7.98 8.48 26.85
N LEU A 184 -8.72 7.86 27.76
CA LEU A 184 -8.78 8.31 29.15
C LEU A 184 -7.78 7.49 29.97
N THR A 185 -6.85 8.16 30.64
CA THR A 185 -5.87 7.42 31.44
C THR A 185 -5.98 7.62 32.95
N LEU A 186 -5.99 6.51 33.66
CA LEU A 186 -6.07 6.51 35.12
C LEU A 186 -5.15 5.41 35.64
N SER A 187 -4.80 5.49 36.92
CA SER A 187 -3.96 4.47 37.54
C SER A 187 -4.90 3.34 37.90
N LYS A 188 -4.35 2.14 38.09
CA LYS A 188 -5.17 0.98 38.44
C LYS A 188 -6.03 1.19 39.68
N ALA A 189 -5.44 1.78 40.72
CA ALA A 189 -6.18 2.02 41.96
C ALA A 189 -7.33 2.99 41.72
N ASP A 190 -7.05 4.09 41.06
CA ASP A 190 -8.06 5.09 40.77
C ASP A 190 -9.16 4.48 39.89
N TYR A 191 -8.75 3.76 38.86
CA TYR A 191 -9.70 3.13 37.95
C TYR A 191 -10.62 2.18 38.70
N GLU A 192 -10.07 1.39 39.61
CA GLU A 192 -10.85 0.44 40.38
C GLU A 192 -11.76 1.13 41.37
N LYS A 193 -11.61 2.44 41.49
CA LYS A 193 -12.40 3.25 42.40
C LYS A 193 -13.80 3.60 41.90
N HIS A 194 -14.05 3.36 40.61
CA HIS A 194 -15.37 3.70 40.05
C HIS A 194 -16.03 2.52 39.36
N LYS A 195 -17.30 2.71 38.98
CA LYS A 195 -18.06 1.66 38.33
C LYS A 195 -18.40 1.94 36.86
N VAL A 196 -19.00 3.09 36.60
CA VAL A 196 -19.42 3.45 35.25
C VAL A 196 -18.48 4.39 34.49
N TYR A 197 -18.15 4.00 33.26
CA TYR A 197 -17.27 4.77 32.38
C TYR A 197 -18.03 5.00 31.09
N ALA A 198 -17.84 6.17 30.47
CA ALA A 198 -18.54 6.47 29.23
C ALA A 198 -18.03 7.69 28.48
N CYS A 199 -18.14 7.67 27.16
CA CYS A 199 -17.74 8.83 26.37
C CYS A 199 -18.96 9.37 25.62
N GLU A 200 -19.14 10.67 25.65
CA GLU A 200 -20.27 11.28 24.99
C GLU A 200 -19.80 11.98 23.75
N VAL A 201 -20.35 11.57 22.61
CA VAL A 201 -19.98 12.12 21.32
C VAL A 201 -21.03 13.05 20.75
N THR A 202 -20.64 14.28 20.41
CA THR A 202 -21.56 15.23 19.82
C THR A 202 -20.99 15.61 18.48
N HIS A 203 -21.73 15.32 17.42
CA HIS A 203 -21.28 15.60 16.08
C HIS A 203 -22.47 16.02 15.24
N GLN A 204 -22.22 16.82 14.21
CA GLN A 204 -23.26 17.33 13.34
C GLN A 204 -24.17 16.29 12.71
N GLY A 205 -23.65 15.11 12.43
CA GLY A 205 -24.48 14.07 11.82
C GLY A 205 -25.37 13.34 12.80
N LEU A 206 -25.17 13.60 14.09
CA LEU A 206 -25.96 12.96 15.14
C LEU A 206 -27.15 13.82 15.58
N SER A 207 -28.36 13.27 15.48
CA SER A 207 -29.56 14.01 15.88
C SER A 207 -29.41 14.58 17.27
N SER A 208 -28.63 13.92 18.11
CA SER A 208 -28.39 14.36 19.47
C SER A 208 -27.19 13.59 19.98
N PRO A 209 -26.50 14.11 21.00
CA PRO A 209 -25.33 13.40 21.53
C PRO A 209 -25.53 11.91 21.80
N VAL A 210 -24.60 11.11 21.27
CA VAL A 210 -24.58 9.65 21.42
C VAL A 210 -23.63 9.26 22.54
N THR A 211 -24.03 8.30 23.37
CA THR A 211 -23.20 7.84 24.47
C THR A 211 -23.00 6.34 24.47
N LYS A 212 -21.77 5.92 24.77
CA LYS A 212 -21.41 4.51 24.85
C LYS A 212 -20.75 4.29 26.21
N SER A 213 -21.07 3.17 26.87
CA SER A 213 -20.48 2.92 28.18
C SER A 213 -20.54 1.48 28.65
N PHE A 214 -19.88 1.24 29.79
CA PHE A 214 -19.81 -0.08 30.40
C PHE A 214 -19.48 0.18 31.87
N ASN A 215 -19.55 -0.86 32.71
CA ASN A 215 -19.19 -0.68 34.11
C ASN A 215 -18.33 -1.79 34.65
N ARG A 216 -18.10 -2.82 33.82
CA ARG A 216 -17.27 -4.00 34.11
C ARG A 216 -18.02 -5.32 33.97
N GLU B 1 16.74 1.58 -11.31
CA GLU B 1 15.79 1.89 -10.20
C GLU B 1 16.48 2.77 -9.16
N VAL B 2 16.21 4.06 -9.20
CA VAL B 2 16.82 4.98 -8.25
C VAL B 2 16.32 4.71 -6.82
N GLN B 3 17.26 4.42 -5.92
CA GLN B 3 16.90 4.19 -4.54
C GLN B 3 17.85 4.95 -3.63
N LEU B 4 17.31 5.47 -2.52
CA LEU B 4 18.09 6.20 -1.53
C LEU B 4 17.64 5.71 -0.16
N VAL B 5 18.59 5.36 0.68
CA VAL B 5 18.28 4.87 2.02
C VAL B 5 19.19 5.51 3.07
N GLU B 6 18.61 6.31 3.94
CA GLU B 6 19.38 6.96 4.99
C GLU B 6 19.49 6.00 6.17
N SER B 7 20.40 6.33 7.09
CA SER B 7 20.58 5.52 8.29
C SER B 7 21.51 6.28 9.24
N GLY B 8 21.48 5.88 10.51
CA GLY B 8 22.33 6.52 11.51
C GLY B 8 21.58 7.33 12.54
N GLY B 9 20.30 7.58 12.27
CA GLY B 9 19.49 8.36 13.19
C GLY B 9 19.20 7.63 14.49
N GLY B 10 19.24 8.38 15.59
CA GLY B 10 18.97 7.79 16.87
C GLY B 10 18.69 8.88 17.90
N VAL B 11 18.66 8.47 19.16
CA VAL B 11 18.45 9.42 20.23
C VAL B 11 19.85 9.83 20.62
N VAL B 12 20.07 11.13 20.74
CA VAL B 12 21.36 11.67 21.11
C VAL B 12 21.16 12.78 22.13
N GLN B 13 22.08 12.91 23.06
CA GLN B 13 21.98 13.94 24.08
C GLN B 13 22.38 15.30 23.56
N PRO B 14 21.74 16.35 24.08
CA PRO B 14 22.11 17.69 23.62
C PRO B 14 23.61 17.90 23.78
N GLY B 15 24.21 18.59 22.81
CA GLY B 15 25.64 18.84 22.88
C GLY B 15 26.47 17.76 22.23
N ARG B 16 25.97 16.52 22.20
CA ARG B 16 26.70 15.41 21.61
C ARG B 16 26.56 15.32 20.09
N SER B 17 27.23 14.33 19.50
CA SER B 17 27.25 14.18 18.05
C SER B 17 26.53 12.96 17.49
N LEU B 18 26.20 13.04 16.20
CA LEU B 18 25.52 11.96 15.50
C LEU B 18 25.93 12.08 14.03
N ARG B 19 26.16 10.93 13.38
CA ARG B 19 26.55 10.92 11.98
C ARG B 19 25.60 10.09 11.13
N LEU B 20 24.88 10.76 10.23
CA LEU B 20 23.94 10.09 9.34
C LEU B 20 24.58 9.64 8.04
N SER B 21 24.04 8.57 7.48
CA SER B 21 24.52 8.00 6.23
C SER B 21 23.41 7.93 5.19
N CYS B 22 23.82 8.01 3.92
CA CYS B 22 22.88 7.92 2.82
C CYS B 22 23.45 7.03 1.71
N SER B 23 22.90 5.83 1.55
CA SER B 23 23.36 4.91 0.52
C SER B 23 22.47 5.03 -0.71
N THR B 24 23.07 5.21 -1.87
CA THR B 24 22.29 5.36 -3.09
C THR B 24 22.58 4.26 -4.10
N SER B 25 21.77 4.22 -5.15
CA SER B 25 21.92 3.23 -6.22
C SER B 25 21.01 3.58 -7.37
N GLY B 26 21.34 3.12 -8.57
CA GLY B 26 20.48 3.39 -9.72
C GLY B 26 20.88 4.55 -10.60
N PHE B 27 21.98 5.22 -10.25
CA PHE B 27 22.45 6.35 -11.03
C PHE B 27 23.93 6.64 -10.74
N THR B 28 24.58 7.42 -11.59
CA THR B 28 25.98 7.74 -11.39
C THR B 28 26.07 8.81 -10.29
N PHE B 29 26.20 8.34 -9.06
CA PHE B 29 26.28 9.19 -7.87
C PHE B 29 27.25 10.38 -8.09
N SER B 30 28.41 10.07 -8.65
CA SER B 30 29.46 11.05 -8.91
C SER B 30 29.07 12.21 -9.80
N ASP B 31 27.97 12.05 -10.53
CA ASP B 31 27.49 13.10 -11.43
C ASP B 31 26.50 14.05 -10.78
N TYR B 32 26.05 13.73 -9.56
CA TYR B 32 25.03 14.56 -8.90
C TYR B 32 25.32 15.28 -7.58
N TYR B 33 24.83 16.51 -7.48
CA TYR B 33 24.93 17.30 -6.26
C TYR B 33 23.92 16.60 -5.36
N MET B 34 24.28 16.35 -4.10
CA MET B 34 23.37 15.68 -3.16
C MET B 34 22.84 16.68 -2.14
N TYR B 35 21.75 16.33 -1.45
CA TYR B 35 21.16 17.24 -0.49
C TYR B 35 20.65 16.54 0.76
N TRP B 36 20.49 17.32 1.82
CA TRP B 36 19.92 16.82 3.07
C TRP B 36 18.75 17.76 3.34
N VAL B 37 17.63 17.22 3.79
CA VAL B 37 16.47 18.05 4.09
C VAL B 37 15.88 17.46 5.32
N ARG B 38 15.39 18.30 6.22
CA ARG B 38 14.83 17.77 7.44
C ARG B 38 13.43 18.30 7.67
N GLN B 39 12.72 17.64 8.56
CA GLN B 39 11.36 18.02 8.90
C GLN B 39 11.19 17.70 10.37
N ALA B 40 11.06 18.78 11.17
CA ALA B 40 10.86 18.66 12.61
C ALA B 40 9.44 18.16 12.82
N PRO B 41 9.20 17.45 13.92
CA PRO B 41 7.84 16.94 14.17
C PRO B 41 6.75 17.99 14.01
N GLY B 42 5.75 17.66 13.20
CA GLY B 42 4.63 18.56 12.96
C GLY B 42 4.97 19.84 12.20
N LYS B 43 6.18 19.96 11.70
CA LYS B 43 6.56 21.19 10.99
C LYS B 43 6.73 21.02 9.48
N GLY B 44 7.18 22.08 8.84
CA GLY B 44 7.37 22.04 7.40
C GLY B 44 8.74 21.52 7.03
N LEU B 45 9.03 21.50 5.73
CA LEU B 45 10.31 21.03 5.22
C LEU B 45 11.36 22.11 5.39
N GLU B 46 12.61 21.69 5.57
CA GLU B 46 13.70 22.64 5.73
C GLU B 46 14.98 22.10 5.11
N TRP B 47 15.54 22.84 4.14
CA TRP B 47 16.78 22.44 3.48
C TRP B 47 17.94 22.53 4.47
N VAL B 48 18.72 21.46 4.57
CA VAL B 48 19.82 21.41 5.53
C VAL B 48 21.25 21.51 5.00
N ALA B 49 21.46 21.08 3.76
CA ALA B 49 22.79 21.14 3.19
C ALA B 49 22.84 20.62 1.76
N TYR B 50 23.90 20.99 1.05
CA TYR B 50 24.12 20.51 -0.30
C TYR B 50 25.62 20.35 -0.51
N MET B 51 25.98 19.51 -1.47
CA MET B 51 27.37 19.27 -1.78
C MET B 51 27.51 18.97 -3.28
N SER B 52 28.49 19.59 -3.93
CA SER B 52 28.70 19.37 -5.35
C SER B 52 29.13 17.94 -5.60
N ASN B 53 28.94 17.49 -6.83
CA ASN B 53 29.31 16.13 -7.23
C ASN B 53 30.83 15.95 -7.03
N VAL B 54 31.57 16.99 -7.40
CA VAL B 54 33.03 17.03 -7.26
C VAL B 54 33.39 18.46 -6.85
N GLY B 55 34.60 18.64 -6.31
CA GLY B 55 35.04 19.96 -5.93
C GLY B 55 34.77 20.36 -4.49
N ALA B 56 33.97 19.56 -3.80
CA ALA B 56 33.61 19.84 -2.41
C ALA B 56 32.99 21.22 -2.19
N ILE B 57 32.11 21.65 -3.08
CA ILE B 57 31.44 22.93 -2.88
C ILE B 57 30.28 22.61 -1.94
N THR B 58 30.21 23.27 -0.79
CA THR B 58 29.15 22.98 0.15
C THR B 58 28.52 24.25 0.71
N ASP B 59 27.33 24.10 1.25
CA ASP B 59 26.65 25.23 1.88
C ASP B 59 25.52 24.74 2.78
N TYR B 60 25.11 25.62 3.68
CA TYR B 60 24.06 25.30 4.62
C TYR B 60 23.33 26.56 5.05
N PRO B 61 22.17 26.41 5.71
CA PRO B 61 21.41 27.56 6.19
C PRO B 61 22.09 27.95 7.52
N ASP B 62 21.90 29.18 7.98
CA ASP B 62 22.54 29.64 9.20
C ASP B 62 22.27 28.82 10.46
N THR B 63 21.15 28.11 10.49
CA THR B 63 20.75 27.30 11.64
C THR B 63 21.65 26.10 11.98
N VAL B 64 22.34 25.57 10.98
CA VAL B 64 23.22 24.43 11.20
C VAL B 64 24.64 24.71 10.74
N LYS B 65 24.81 25.85 10.07
CA LYS B 65 26.13 26.23 9.60
C LYS B 65 27.07 26.33 10.79
N GLY B 66 28.16 25.59 10.74
CA GLY B 66 29.12 25.62 11.84
C GLY B 66 29.08 24.35 12.68
N ARG B 67 27.93 23.68 12.67
CA ARG B 67 27.75 22.46 13.45
C ARG B 67 27.64 21.21 12.57
N PHE B 68 27.02 21.36 11.42
CA PHE B 68 26.83 20.24 10.50
C PHE B 68 27.88 20.22 9.41
N THR B 69 28.17 19.03 8.92
CA THR B 69 29.13 18.88 7.84
C THR B 69 28.66 17.77 6.91
N ILE B 70 28.51 18.13 5.64
CA ILE B 70 28.09 17.16 4.65
C ILE B 70 29.38 16.73 3.96
N SER B 71 29.46 15.47 3.56
CA SER B 71 30.63 14.93 2.88
C SER B 71 30.17 13.74 2.05
N ARG B 72 31.03 13.22 1.20
CA ARG B 72 30.64 12.11 0.36
C ARG B 72 31.78 11.20 -0.01
N ASP B 73 31.44 9.95 -0.27
CA ASP B 73 32.43 8.97 -0.69
C ASP B 73 31.91 8.49 -2.03
N ASN B 74 32.40 9.09 -3.11
CA ASN B 74 31.94 8.73 -4.43
C ASN B 74 32.31 7.32 -4.83
N SER B 75 33.18 6.67 -4.05
CA SER B 75 33.58 5.31 -4.37
C SER B 75 32.55 4.31 -3.87
N LYS B 76 31.73 4.73 -2.92
CA LYS B 76 30.71 3.85 -2.36
C LYS B 76 29.31 4.45 -2.44
N ASN B 77 29.11 5.40 -3.35
CA ASN B 77 27.81 6.06 -3.51
C ASN B 77 27.21 6.35 -2.13
N THR B 78 27.92 7.11 -1.31
CA THR B 78 27.44 7.41 0.03
C THR B 78 27.60 8.87 0.44
N LEU B 79 26.48 9.48 0.82
CA LEU B 79 26.47 10.86 1.27
C LEU B 79 26.38 10.82 2.79
N PHE B 80 27.13 11.67 3.46
CA PHE B 80 27.13 11.70 4.93
C PHE B 80 26.72 13.07 5.46
N LEU B 81 26.40 13.13 6.75
CA LEU B 81 26.05 14.38 7.41
C LEU B 81 26.51 14.25 8.86
N GLN B 82 27.62 14.90 9.17
CA GLN B 82 28.13 14.87 10.54
C GLN B 82 27.37 15.96 11.28
N MET B 83 26.74 15.60 12.39
CA MET B 83 25.98 16.56 13.17
C MET B 83 26.58 16.74 14.56
N ASP B 84 27.28 17.85 14.79
CA ASP B 84 27.89 18.14 16.09
C ASP B 84 27.11 19.18 16.87
N SER B 85 27.31 19.21 18.19
CA SER B 85 26.61 20.18 19.04
C SER B 85 25.13 20.20 18.75
N LEU B 86 24.51 19.03 18.79
CA LEU B 86 23.09 18.91 18.52
C LEU B 86 22.23 19.55 19.60
N ARG B 87 21.12 20.17 19.17
CA ARG B 87 20.21 20.82 20.09
C ARG B 87 18.83 20.17 19.93
N PRO B 88 17.98 20.25 20.96
CA PRO B 88 16.64 19.66 20.90
C PRO B 88 15.95 20.06 19.61
N GLU B 89 16.21 21.29 19.19
CA GLU B 89 15.64 21.89 18.00
C GLU B 89 16.07 21.19 16.68
N ASP B 90 17.07 20.33 16.76
CA ASP B 90 17.52 19.61 15.56
C ASP B 90 16.72 18.32 15.37
N THR B 91 15.82 18.07 16.31
CA THR B 91 15.00 16.86 16.24
C THR B 91 14.12 16.88 15.01
N GLY B 92 13.97 15.72 14.40
CA GLY B 92 13.15 15.63 13.22
C GLY B 92 13.62 14.52 12.33
N VAL B 93 12.94 14.34 11.20
CA VAL B 93 13.30 13.31 10.25
C VAL B 93 14.25 13.91 9.20
N TYR B 94 15.35 13.21 8.95
CA TYR B 94 16.33 13.68 7.97
C TYR B 94 16.27 12.87 6.70
N PHE B 95 16.09 13.58 5.59
CA PHE B 95 15.99 12.96 4.29
C PHE B 95 17.18 13.23 3.40
N CYS B 96 17.47 12.25 2.59
CA CYS B 96 18.55 12.29 1.61
C CYS B 96 17.79 12.63 0.32
N ALA B 97 18.34 13.48 -0.52
CA ALA B 97 17.66 13.83 -1.78
C ALA B 97 18.62 14.06 -2.94
N ARG B 98 18.13 13.84 -4.16
CA ARG B 98 18.91 13.99 -5.39
C ARG B 98 18.03 14.63 -6.47
N GLY B 99 18.59 15.58 -7.22
CA GLY B 99 17.80 16.25 -8.26
C GLY B 99 17.90 15.65 -9.66
N THR B 100 17.70 16.48 -10.67
CA THR B 100 17.78 16.01 -12.05
C THR B 100 18.75 16.92 -12.79
N ARG B 101 19.37 16.38 -13.84
CA ARG B 101 20.33 17.15 -14.63
C ARG B 101 19.69 18.40 -15.20
N ASP B 102 18.38 18.38 -15.47
CA ASP B 102 17.75 19.55 -16.04
C ASP B 102 17.12 20.58 -15.10
N GLY B 103 17.49 20.60 -13.82
CA GLY B 103 16.96 21.64 -12.97
C GLY B 103 16.20 21.45 -11.67
N SER B 104 15.71 20.25 -11.37
CA SER B 104 14.99 20.09 -10.12
C SER B 104 15.93 19.74 -8.98
N TRP B 105 15.57 20.18 -7.78
CA TRP B 105 16.35 19.94 -6.59
C TRP B 105 16.11 18.59 -5.94
N PHE B 106 14.86 18.31 -5.58
CA PHE B 106 14.54 17.07 -4.88
C PHE B 106 13.63 16.11 -5.65
N ALA B 107 14.19 15.43 -6.65
CA ALA B 107 13.44 14.50 -7.49
C ALA B 107 13.23 13.14 -6.82
N TYR B 108 14.28 12.61 -6.21
CA TYR B 108 14.23 11.31 -5.53
C TYR B 108 14.65 11.47 -4.08
N TRP B 109 13.93 10.79 -3.19
CA TRP B 109 14.22 10.88 -1.77
C TRP B 109 14.43 9.53 -1.14
N GLY B 110 14.96 9.55 0.08
CA GLY B 110 15.18 8.33 0.82
C GLY B 110 13.95 8.21 1.72
N GLN B 111 13.89 7.17 2.54
CA GLN B 111 12.74 7.00 3.42
C GLN B 111 12.87 7.93 4.62
N GLY B 112 14.08 8.43 4.83
CA GLY B 112 14.32 9.31 5.95
C GLY B 112 14.72 8.55 7.20
N THR B 113 15.67 9.10 7.94
CA THR B 113 16.14 8.46 9.17
C THR B 113 15.87 9.45 10.30
N PRO B 114 15.18 8.99 11.35
CA PRO B 114 14.80 9.80 12.52
C PRO B 114 15.88 10.17 13.51
N VAL B 115 15.88 11.45 13.89
CA VAL B 115 16.85 11.97 14.84
C VAL B 115 16.12 12.68 15.97
N THR B 116 16.43 12.29 17.20
CA THR B 116 15.82 12.90 18.36
C THR B 116 16.90 13.36 19.34
N VAL B 117 17.05 14.66 19.49
CA VAL B 117 18.03 15.18 20.41
C VAL B 117 17.31 15.41 21.74
N SER B 118 17.62 14.56 22.71
CA SER B 118 17.00 14.61 24.03
C SER B 118 17.87 13.93 25.08
N SER B 119 17.70 14.34 26.33
CA SER B 119 18.47 13.72 27.40
C SER B 119 17.79 12.43 27.84
N ALA B 120 16.61 12.16 27.28
CA ALA B 120 15.85 10.96 27.61
C ALA B 120 16.38 9.74 26.87
N SER B 121 16.16 8.56 27.44
CA SER B 121 16.62 7.30 26.87
C SER B 121 15.53 6.62 26.04
N THR B 122 15.93 5.79 25.07
CA THR B 122 14.96 5.09 24.24
C THR B 122 14.09 4.23 25.14
N LYS B 123 12.89 3.90 24.67
CA LYS B 123 11.99 3.13 25.49
C LYS B 123 10.97 2.39 24.63
N GLY B 124 11.09 1.06 24.61
CA GLY B 124 10.18 0.24 23.85
C GLY B 124 8.77 0.40 24.39
N PRO B 125 7.74 0.12 23.57
CA PRO B 125 6.35 0.24 23.99
C PRO B 125 5.75 -1.05 24.56
N SER B 126 4.66 -0.90 25.28
CA SER B 126 3.96 -2.07 25.80
C SER B 126 2.78 -2.15 24.84
N VAL B 127 2.39 -3.35 24.43
CA VAL B 127 1.29 -3.48 23.50
C VAL B 127 0.13 -4.21 24.15
N PHE B 128 -1.00 -3.54 24.25
CA PHE B 128 -2.20 -4.11 24.88
C PHE B 128 -3.34 -4.27 23.89
N PRO B 129 -4.06 -5.40 23.94
CA PRO B 129 -5.18 -5.70 23.06
C PRO B 129 -6.46 -4.91 23.33
N LEU B 130 -7.06 -4.38 22.26
CA LEU B 130 -8.34 -3.66 22.36
C LEU B 130 -9.31 -4.69 21.77
N ALA B 131 -9.68 -5.66 22.61
CA ALA B 131 -10.54 -6.77 22.23
C ALA B 131 -11.94 -6.41 21.77
N PRO B 132 -12.39 -7.03 20.66
CA PRO B 132 -13.73 -6.74 20.16
C PRO B 132 -14.73 -7.36 21.13
N SER B 133 -15.71 -6.56 21.56
CA SER B 133 -16.75 -7.03 22.48
C SER B 133 -18.06 -6.33 22.18
N SER B 134 -19.10 -6.70 22.93
CA SER B 134 -20.41 -6.10 22.75
C SER B 134 -20.34 -4.60 23.00
N LYS B 135 -19.28 -4.17 23.66
CA LYS B 135 -19.08 -2.76 23.97
C LYS B 135 -18.33 -2.09 22.81
N SER B 136 -17.59 -2.91 22.07
CA SER B 136 -16.80 -2.46 20.94
C SER B 136 -17.58 -2.67 19.65
N THR B 137 -18.85 -3.04 19.78
CA THR B 137 -19.69 -3.27 18.60
C THR B 137 -20.77 -2.18 18.51
N SER B 138 -21.12 -1.78 17.28
CA SER B 138 -22.12 -0.73 17.08
C SER B 138 -23.13 -1.01 15.97
N GLY B 139 -23.07 -0.25 14.87
CA GLY B 139 -24.01 -0.43 13.77
C GLY B 139 -23.76 -1.64 12.88
N GLY B 140 -23.71 -2.82 13.51
CA GLY B 140 -23.46 -4.05 12.79
C GLY B 140 -21.97 -4.24 12.71
N THR B 141 -21.26 -3.16 13.04
CA THR B 141 -19.80 -3.13 13.01
C THR B 141 -19.16 -3.45 14.36
N ALA B 142 -18.02 -4.13 14.31
CA ALA B 142 -17.28 -4.47 15.51
C ALA B 142 -15.93 -3.76 15.37
N ALA B 143 -15.37 -3.36 16.51
CA ALA B 143 -14.08 -2.69 16.49
C ALA B 143 -13.08 -3.45 17.35
N LEU B 144 -11.82 -3.47 16.93
CA LEU B 144 -10.77 -4.13 17.68
C LEU B 144 -9.53 -3.30 17.42
N GLY B 145 -8.47 -3.54 18.20
CA GLY B 145 -7.26 -2.77 17.99
C GLY B 145 -6.14 -3.09 18.95
N CYS B 146 -5.10 -2.28 18.90
CA CYS B 146 -3.95 -2.43 19.78
C CYS B 146 -3.55 -1.06 20.30
N LEU B 147 -3.21 -1.01 21.58
CA LEU B 147 -2.76 0.21 22.24
C LEU B 147 -1.25 0.08 22.39
N VAL B 148 -0.50 0.96 21.73
CA VAL B 148 0.94 0.95 21.80
C VAL B 148 1.29 2.07 22.77
N LYS B 149 1.47 1.70 24.04
CA LYS B 149 1.73 2.67 25.09
C LYS B 149 3.13 2.85 25.66
N ASP B 150 3.44 4.10 25.96
CA ASP B 150 4.69 4.52 26.59
C ASP B 150 6.01 4.18 25.91
N TYR B 151 6.28 4.85 24.78
CA TYR B 151 7.54 4.61 24.10
C TYR B 151 8.26 5.92 23.83
N PHE B 152 9.50 5.83 23.38
CA PHE B 152 10.29 7.02 23.12
C PHE B 152 11.53 6.57 22.36
N PRO B 153 11.91 7.29 21.29
CA PRO B 153 11.21 8.48 20.81
C PRO B 153 10.33 8.05 19.64
N GLN B 154 9.93 9.02 18.83
CA GLN B 154 9.14 8.75 17.64
C GLN B 154 10.17 8.09 16.71
N PRO B 155 9.71 7.20 15.80
CA PRO B 155 8.32 6.79 15.60
C PRO B 155 8.04 5.30 15.82
N VAL B 156 6.78 4.92 15.65
CA VAL B 156 6.32 3.54 15.77
C VAL B 156 5.48 3.21 14.54
N THR B 157 5.73 2.04 13.95
CA THR B 157 5.00 1.63 12.76
C THR B 157 4.05 0.51 13.19
N VAL B 158 2.93 0.36 12.47
CA VAL B 158 1.96 -0.69 12.79
C VAL B 158 1.35 -1.30 11.53
N SER B 159 1.23 -2.62 11.51
CA SER B 159 0.63 -3.36 10.40
C SER B 159 -0.33 -4.36 11.00
N TRP B 160 -1.24 -4.88 10.19
CA TRP B 160 -2.17 -5.89 10.66
C TRP B 160 -2.01 -7.13 9.78
N ASN B 161 -1.79 -8.27 10.43
CA ASN B 161 -1.62 -9.52 9.72
C ASN B 161 -0.49 -9.40 8.72
N SER B 162 0.61 -8.80 9.16
CA SER B 162 1.79 -8.62 8.32
C SER B 162 1.51 -7.78 7.10
N GLY B 163 0.66 -6.78 7.23
CA GLY B 163 0.36 -5.93 6.09
C GLY B 163 -0.75 -6.43 5.18
N ALA B 164 -1.22 -7.66 5.42
CA ALA B 164 -2.28 -8.25 4.60
C ALA B 164 -3.65 -7.63 4.88
N LEU B 165 -3.83 -7.11 6.09
CA LEU B 165 -5.10 -6.48 6.48
C LEU B 165 -4.96 -4.96 6.43
N THR B 166 -5.72 -4.30 5.54
CA THR B 166 -5.65 -2.85 5.43
C THR B 166 -7.02 -2.19 5.37
N SER B 167 -8.06 -2.97 5.10
CA SER B 167 -9.42 -2.46 5.03
C SER B 167 -10.01 -2.22 6.41
N GLY B 168 -10.48 -1.00 6.64
CA GLY B 168 -11.06 -0.65 7.91
C GLY B 168 -10.00 -0.26 8.93
N VAL B 169 -8.76 -0.22 8.49
CA VAL B 169 -7.66 0.11 9.39
C VAL B 169 -7.39 1.61 9.57
N HIS B 170 -7.20 1.99 10.82
CA HIS B 170 -6.91 3.38 11.17
C HIS B 170 -5.81 3.41 12.23
N THR B 171 -4.62 3.89 11.84
CA THR B 171 -3.53 4.01 12.78
C THR B 171 -3.34 5.50 13.09
N PHE B 172 -3.82 5.90 14.26
CA PHE B 172 -3.77 7.29 14.70
C PHE B 172 -2.39 7.86 14.92
N PRO B 173 -2.25 9.19 14.76
CA PRO B 173 -0.91 9.72 15.01
C PRO B 173 -0.65 9.64 16.52
N ALA B 174 0.63 9.51 16.88
CA ALA B 174 1.07 9.41 18.26
C ALA B 174 0.77 10.67 19.05
N VAL B 175 0.69 10.53 20.37
CA VAL B 175 0.43 11.67 21.23
C VAL B 175 1.43 11.69 22.38
N LEU B 176 2.05 12.83 22.61
CA LEU B 176 3.01 12.96 23.70
C LEU B 176 2.23 13.01 24.99
N GLN B 177 2.63 12.23 25.99
CA GLN B 177 1.93 12.21 27.26
C GLN B 177 2.68 13.05 28.29
N SER B 178 2.00 13.43 29.36
CA SER B 178 2.63 14.25 30.39
C SER B 178 3.86 13.55 30.95
N SER B 179 3.85 12.23 30.94
CA SER B 179 4.99 11.46 31.43
C SER B 179 6.17 11.70 30.51
N GLY B 180 5.88 12.22 29.33
CA GLY B 180 6.94 12.50 28.37
C GLY B 180 7.13 11.36 27.37
N LEU B 181 6.30 10.33 27.48
CA LEU B 181 6.39 9.19 26.58
C LEU B 181 5.23 9.27 25.61
N TYR B 182 5.41 8.72 24.41
CA TYR B 182 4.35 8.74 23.42
C TYR B 182 3.48 7.50 23.55
N SER B 183 2.24 7.65 23.11
CA SER B 183 1.29 6.55 23.14
C SER B 183 0.58 6.58 21.80
N LEU B 184 0.26 5.40 21.31
CA LEU B 184 -0.39 5.25 20.04
C LEU B 184 -1.44 4.16 20.01
N SER B 185 -2.52 4.37 19.28
CA SER B 185 -3.57 3.36 19.19
C SER B 185 -3.88 3.06 17.73
N SER B 186 -3.97 1.78 17.40
CA SER B 186 -4.29 1.38 16.03
C SER B 186 -5.51 0.50 16.07
N VAL B 187 -6.49 0.79 15.23
CA VAL B 187 -7.73 0.03 15.22
C VAL B 187 -8.19 -0.45 13.84
N VAL B 188 -9.20 -1.31 13.84
CA VAL B 188 -9.79 -1.83 12.63
C VAL B 188 -11.23 -2.21 12.97
N THR B 189 -12.13 -2.00 12.01
CA THR B 189 -13.53 -2.35 12.22
C THR B 189 -13.78 -3.52 11.29
N VAL B 190 -14.69 -4.41 11.69
CA VAL B 190 -15.05 -5.57 10.89
C VAL B 190 -16.50 -5.86 11.20
N PRO B 191 -17.23 -6.47 10.24
CA PRO B 191 -18.63 -6.76 10.57
C PRO B 191 -18.67 -7.79 11.71
N SER B 192 -19.39 -7.44 12.78
CA SER B 192 -19.48 -8.28 13.97
C SER B 192 -19.80 -9.75 13.74
N SER B 193 -20.66 -10.02 12.77
CA SER B 193 -21.03 -11.40 12.49
C SER B 193 -19.86 -12.22 11.96
N SER B 194 -18.74 -11.57 11.67
CA SER B 194 -17.58 -12.31 11.17
C SER B 194 -16.59 -12.56 12.30
N LEU B 195 -16.84 -11.97 13.47
CA LEU B 195 -15.94 -12.19 14.59
C LEU B 195 -15.83 -13.69 14.81
N GLY B 196 -14.60 -14.17 15.01
CA GLY B 196 -14.39 -15.59 15.22
C GLY B 196 -14.06 -16.32 13.94
N THR B 197 -14.10 -15.59 12.82
CA THR B 197 -13.81 -16.17 11.52
C THR B 197 -12.39 -15.86 11.04
N GLN B 198 -11.83 -14.76 11.53
CA GLN B 198 -10.50 -14.35 11.09
C GLN B 198 -9.57 -14.08 12.26
N THR B 199 -8.26 -14.19 11.99
CA THR B 199 -7.23 -13.93 12.98
C THR B 199 -6.77 -12.49 12.83
N TYR B 200 -6.61 -11.80 13.94
CA TYR B 200 -6.17 -10.43 13.90
C TYR B 200 -4.90 -10.31 14.73
N ILE B 201 -3.86 -9.76 14.10
CA ILE B 201 -2.58 -9.60 14.75
C ILE B 201 -2.01 -8.24 14.35
N CYS B 202 -1.64 -7.43 15.34
CA CYS B 202 -1.06 -6.13 15.05
C CYS B 202 0.45 -6.29 15.17
N ASN B 203 1.16 -6.01 14.08
CA ASN B 203 2.60 -6.13 14.09
C ASN B 203 3.14 -4.76 14.42
N VAL B 204 3.54 -4.55 15.67
CA VAL B 204 4.07 -3.25 16.08
C VAL B 204 5.57 -3.20 15.92
N ASN B 205 6.08 -2.05 15.48
CA ASN B 205 7.50 -1.91 15.26
C ASN B 205 8.05 -0.58 15.74
N HIS B 206 8.94 -0.64 16.73
CA HIS B 206 9.57 0.56 17.29
C HIS B 206 11.05 0.41 17.02
N LYS B 207 11.50 0.79 15.84
CA LYS B 207 12.91 0.66 15.49
C LYS B 207 13.86 1.38 16.46
N PRO B 208 13.58 2.65 16.80
CA PRO B 208 14.46 3.38 17.71
C PRO B 208 14.95 2.59 18.93
N SER B 209 14.26 1.50 19.26
CA SER B 209 14.66 0.68 20.41
C SER B 209 14.76 -0.78 20.00
N ASN B 210 14.60 -1.03 18.71
CA ASN B 210 14.66 -2.39 18.17
C ASN B 210 13.69 -3.28 18.93
N THR B 211 12.47 -2.81 19.08
CA THR B 211 11.42 -3.55 19.76
C THR B 211 10.34 -3.91 18.75
N LYS B 212 10.00 -5.19 18.71
CA LYS B 212 9.00 -5.66 17.78
C LYS B 212 8.01 -6.51 18.55
N VAL B 213 6.73 -6.22 18.35
CA VAL B 213 5.68 -6.96 19.02
C VAL B 213 4.57 -7.28 18.04
N ASP B 214 4.11 -8.53 18.08
CA ASP B 214 3.03 -8.97 17.21
C ASP B 214 1.92 -9.50 18.10
N LYS B 215 1.17 -8.61 18.71
CA LYS B 215 0.08 -8.97 19.59
C LYS B 215 -1.13 -9.50 18.84
N LYS B 216 -1.69 -10.59 19.35
CA LYS B 216 -2.86 -11.19 18.73
C LYS B 216 -4.04 -10.61 19.50
N VAL B 217 -5.07 -10.16 18.79
CA VAL B 217 -6.23 -9.58 19.45
C VAL B 217 -7.39 -10.55 19.36
N GLU B 218 -7.83 -11.05 20.50
CA GLU B 218 -8.92 -12.01 20.51
C GLU B 218 -10.17 -11.51 21.22
N PRO B 219 -11.35 -11.74 20.60
CA PRO B 219 -12.63 -11.30 21.17
C PRO B 219 -12.92 -11.85 22.56
N ASP C 1 -26.40 -17.36 -23.86
CA ASP C 1 -26.87 -16.94 -25.21
C ASP C 1 -26.34 -15.57 -25.63
N ILE C 2 -26.42 -14.60 -24.71
CA ILE C 2 -25.95 -13.24 -24.97
C ILE C 2 -24.48 -13.10 -24.61
N GLN C 3 -23.62 -13.21 -25.61
CA GLN C 3 -22.17 -13.09 -25.41
C GLN C 3 -21.70 -11.64 -25.43
N MET C 4 -20.75 -11.33 -24.56
CA MET C 4 -20.20 -9.99 -24.45
C MET C 4 -18.75 -10.02 -24.92
N THR C 5 -18.47 -9.34 -26.03
CA THR C 5 -17.12 -9.31 -26.58
C THR C 5 -16.42 -7.96 -26.42
N GLN C 6 -15.36 -7.94 -25.62
CA GLN C 6 -14.58 -6.73 -25.39
C GLN C 6 -13.47 -6.67 -26.42
N SER C 7 -13.02 -5.47 -26.72
CA SER C 7 -11.95 -5.24 -27.68
C SER C 7 -11.18 -4.01 -27.22
N PRO C 8 -9.85 -4.05 -27.24
CA PRO C 8 -8.98 -5.16 -27.65
C PRO C 8 -8.65 -6.01 -26.42
N SER C 9 -7.88 -7.09 -26.60
CA SER C 9 -7.52 -7.92 -25.46
C SER C 9 -6.68 -7.06 -24.55
N SER C 10 -5.73 -6.35 -25.16
CA SER C 10 -4.85 -5.47 -24.41
C SER C 10 -4.46 -4.31 -25.31
N LEU C 11 -4.14 -3.18 -24.69
CA LEU C 11 -3.72 -1.99 -25.44
C LEU C 11 -2.79 -1.20 -24.56
N SER C 12 -1.77 -0.60 -25.18
CA SER C 12 -0.80 0.18 -24.44
C SER C 12 -0.91 1.60 -24.95
N ALA C 13 -0.70 2.57 -24.07
CA ALA C 13 -0.79 3.96 -24.46
C ALA C 13 0.03 4.86 -23.55
N SER C 14 0.48 5.98 -24.09
CA SER C 14 1.30 6.92 -23.36
C SER C 14 0.48 7.63 -22.29
N VAL C 15 1.17 8.18 -21.31
CA VAL C 15 0.54 8.93 -20.23
C VAL C 15 -0.17 10.12 -20.84
N GLY C 16 -1.37 10.41 -20.36
CA GLY C 16 -2.11 11.56 -20.88
C GLY C 16 -2.90 11.26 -22.14
N ASP C 17 -2.62 10.12 -22.77
CA ASP C 17 -3.34 9.72 -23.98
C ASP C 17 -4.82 9.49 -23.72
N ARG C 18 -5.56 9.29 -24.81
CA ARG C 18 -6.98 9.05 -24.72
C ARG C 18 -7.10 7.53 -24.84
N VAL C 19 -8.11 6.95 -24.22
CA VAL C 19 -8.31 5.52 -24.32
C VAL C 19 -9.77 5.14 -24.50
N THR C 20 -9.99 4.16 -25.37
CA THR C 20 -11.32 3.65 -25.68
C THR C 20 -11.32 2.13 -25.67
N ILE C 21 -12.23 1.55 -24.89
CA ILE C 21 -12.39 0.12 -24.78
C ILE C 21 -13.83 -0.12 -25.21
N THR C 22 -14.05 -1.12 -26.06
CA THR C 22 -15.42 -1.38 -26.53
C THR C 22 -15.90 -2.76 -26.12
N CYS C 23 -17.21 -2.89 -26.06
CA CYS C 23 -17.83 -4.13 -25.64
C CYS C 23 -19.09 -4.33 -26.46
N ARG C 24 -19.17 -5.46 -27.16
CA ARG C 24 -20.33 -5.73 -27.99
C ARG C 24 -21.19 -6.87 -27.47
N SER C 25 -22.49 -6.60 -27.41
CA SER C 25 -23.47 -7.58 -26.93
C SER C 25 -24.08 -8.32 -28.13
N SER C 26 -24.28 -9.63 -27.98
CA SER C 26 -24.87 -10.45 -29.03
C SER C 26 -26.27 -9.95 -29.41
N GLN C 27 -27.10 -9.68 -28.41
CA GLN C 27 -28.45 -9.17 -28.63
C GLN C 27 -28.54 -7.75 -28.12
N ARG C 28 -29.75 -7.18 -28.17
CA ARG C 28 -29.99 -5.83 -27.67
C ARG C 28 -30.09 -6.05 -26.15
N ILE C 29 -29.29 -5.33 -25.37
CA ILE C 29 -29.31 -5.51 -23.93
C ILE C 29 -30.07 -4.44 -23.14
N VAL C 30 -31.28 -4.13 -23.57
CA VAL C 30 -32.07 -3.12 -22.86
C VAL C 30 -33.15 -3.78 -22.02
N HIS C 31 -33.01 -3.68 -20.70
CA HIS C 31 -33.93 -4.28 -19.75
C HIS C 31 -35.42 -3.96 -20.00
N SER C 32 -36.27 -4.92 -19.67
CA SER C 32 -37.71 -4.81 -19.83
C SER C 32 -38.29 -3.55 -19.20
N ASN C 33 -37.50 -2.89 -18.36
CA ASN C 33 -37.98 -1.67 -17.71
C ASN C 33 -37.55 -0.41 -18.48
N GLY C 34 -36.76 -0.61 -19.53
CA GLY C 34 -36.32 0.51 -20.34
C GLY C 34 -34.83 0.81 -20.29
N ASN C 35 -34.23 0.64 -19.11
CA ASN C 35 -32.80 0.89 -18.93
C ASN C 35 -31.91 -0.13 -19.61
N THR C 36 -30.62 0.18 -19.62
CA THR C 36 -29.60 -0.69 -20.20
C THR C 36 -28.51 -0.79 -19.13
N TYR C 37 -28.60 -1.81 -18.30
CA TYR C 37 -27.66 -2.02 -17.22
C TYR C 37 -26.34 -2.59 -17.70
N LEU C 38 -25.59 -1.76 -18.42
CA LEU C 38 -24.28 -2.14 -18.92
C LEU C 38 -23.34 -1.48 -17.93
N GLU C 39 -22.38 -2.23 -17.40
CA GLU C 39 -21.46 -1.67 -16.42
C GLU C 39 -20.00 -1.87 -16.79
N TRP C 40 -19.13 -1.09 -16.15
CA TRP C 40 -17.69 -1.18 -16.40
C TRP C 40 -16.92 -1.30 -15.09
N TYR C 41 -16.02 -2.28 -15.01
CA TYR C 41 -15.22 -2.53 -13.81
C TYR C 41 -13.72 -2.43 -14.06
N GLN C 42 -12.99 -2.10 -12.99
CA GLN C 42 -11.54 -1.98 -13.02
C GLN C 42 -10.98 -2.93 -11.95
N GLN C 43 -9.98 -3.74 -12.30
CA GLN C 43 -9.41 -4.65 -11.33
C GLN C 43 -7.89 -4.82 -11.42
N THR C 44 -7.24 -4.74 -10.26
CA THR C 44 -5.79 -4.93 -10.17
C THR C 44 -5.57 -6.30 -9.53
N PRO C 45 -4.42 -6.95 -9.83
CA PRO C 45 -4.10 -8.29 -9.27
C PRO C 45 -4.31 -8.49 -7.77
N GLY C 46 -4.78 -9.69 -7.41
CA GLY C 46 -5.02 -10.07 -6.02
C GLY C 46 -5.99 -9.17 -5.28
N LYS C 47 -6.73 -8.36 -6.04
CA LYS C 47 -7.68 -7.43 -5.44
C LYS C 47 -9.08 -7.56 -6.04
N ALA C 48 -10.07 -7.04 -5.33
CA ALA C 48 -11.44 -7.10 -5.82
C ALA C 48 -11.65 -6.03 -6.88
N PRO C 49 -12.57 -6.27 -7.81
CA PRO C 49 -12.84 -5.29 -8.86
C PRO C 49 -13.48 -4.04 -8.27
N LYS C 50 -13.37 -2.93 -8.99
CA LYS C 50 -14.00 -1.69 -8.56
C LYS C 50 -14.93 -1.21 -9.67
N LEU C 51 -16.11 -0.73 -9.26
CA LEU C 51 -17.12 -0.23 -10.18
C LEU C 51 -16.82 1.21 -10.62
N LEU C 52 -16.78 1.43 -11.92
CA LEU C 52 -16.51 2.77 -12.45
C LEU C 52 -17.75 3.33 -13.18
N ILE C 53 -18.36 2.51 -14.04
CA ILE C 53 -19.53 2.96 -14.80
C ILE C 53 -20.72 2.00 -14.72
N TYR C 54 -21.91 2.54 -14.46
CA TYR C 54 -23.12 1.73 -14.44
C TYR C 54 -24.24 2.42 -15.22
N LYS C 55 -25.27 1.66 -15.58
CA LYS C 55 -26.39 2.18 -16.33
C LYS C 55 -25.91 2.80 -17.63
N VAL C 56 -24.82 2.25 -18.15
CA VAL C 56 -24.19 2.69 -19.40
C VAL C 56 -23.28 3.90 -19.32
N SER C 57 -23.70 4.94 -18.59
CA SER C 57 -22.91 6.14 -18.51
C SER C 57 -22.87 6.84 -17.17
N ASN C 58 -23.49 6.25 -16.15
CA ASN C 58 -23.45 6.89 -14.85
C ASN C 58 -22.12 6.55 -14.20
N ARG C 59 -21.44 7.58 -13.71
CA ARG C 59 -20.15 7.38 -13.08
C ARG C 59 -20.35 7.16 -11.60
N PHE C 60 -19.83 6.05 -11.08
CA PHE C 60 -19.97 5.76 -9.67
C PHE C 60 -19.26 6.85 -8.86
N SER C 61 -19.81 7.18 -7.70
CA SER C 61 -19.24 8.18 -6.83
C SER C 61 -17.79 7.90 -6.51
N GLY C 62 -16.98 8.96 -6.47
CA GLY C 62 -15.56 8.81 -6.15
C GLY C 62 -14.73 8.42 -7.37
N VAL C 63 -15.41 8.25 -8.49
CA VAL C 63 -14.76 7.88 -9.75
C VAL C 63 -14.38 9.14 -10.51
N PRO C 64 -13.08 9.31 -10.81
CA PRO C 64 -12.63 10.50 -11.55
C PRO C 64 -13.43 10.70 -12.84
N SER C 65 -13.82 11.94 -13.11
CA SER C 65 -14.61 12.23 -14.30
C SER C 65 -13.87 11.96 -15.61
N ARG C 66 -12.60 11.56 -15.55
CA ARG C 66 -11.87 11.27 -16.78
C ARG C 66 -12.31 9.91 -17.33
N PHE C 67 -12.99 9.13 -16.50
CA PHE C 67 -13.52 7.84 -16.91
C PHE C 67 -14.96 8.12 -17.36
N SER C 68 -15.37 7.53 -18.48
CA SER C 68 -16.72 7.73 -18.97
C SER C 68 -17.18 6.49 -19.72
N GLY C 69 -18.48 6.43 -19.97
CA GLY C 69 -19.04 5.31 -20.70
C GLY C 69 -20.21 5.71 -21.54
N SER C 70 -20.34 5.10 -22.72
CA SER C 70 -21.46 5.39 -23.61
C SER C 70 -21.78 4.20 -24.51
N GLY C 71 -22.71 4.41 -25.43
CA GLY C 71 -23.10 3.36 -26.35
C GLY C 71 -24.54 2.92 -26.26
N SER C 72 -24.90 1.98 -27.12
CA SER C 72 -26.25 1.43 -27.18
C SER C 72 -26.32 0.31 -28.23
N GLY C 73 -27.52 -0.20 -28.45
CA GLY C 73 -27.69 -1.27 -29.41
C GLY C 73 -26.87 -2.49 -29.05
N THR C 74 -25.69 -2.61 -29.65
CA THR C 74 -24.80 -3.72 -29.38
C THR C 74 -23.34 -3.27 -29.26
N ASP C 75 -23.13 -1.96 -29.27
CA ASP C 75 -21.78 -1.40 -29.16
C ASP C 75 -21.70 -0.40 -28.01
N PHE C 76 -20.94 -0.74 -26.98
CA PHE C 76 -20.77 0.11 -25.81
C PHE C 76 -19.29 0.42 -25.64
N THR C 77 -18.97 1.59 -25.09
CA THR C 77 -17.57 1.96 -24.92
C THR C 77 -17.21 2.54 -23.57
N PHE C 78 -15.99 2.24 -23.14
CA PHE C 78 -15.45 2.76 -21.88
C PHE C 78 -14.36 3.75 -22.28
N THR C 79 -14.38 4.95 -21.71
CA THR C 79 -13.39 5.95 -22.08
C THR C 79 -12.58 6.52 -20.93
N ILE C 80 -11.29 6.76 -21.19
CA ILE C 80 -10.36 7.37 -20.24
C ILE C 80 -9.73 8.52 -21.01
N SER C 81 -10.16 9.75 -20.72
CA SER C 81 -9.67 10.93 -21.44
C SER C 81 -8.23 11.33 -21.20
N SER C 82 -7.63 10.85 -20.12
CA SER C 82 -6.23 11.19 -19.88
C SER C 82 -5.58 10.09 -19.05
N LEU C 83 -5.13 9.05 -19.74
CA LEU C 83 -4.51 7.91 -19.08
C LEU C 83 -3.45 8.32 -18.07
N GLN C 84 -3.41 7.60 -16.96
CA GLN C 84 -2.42 7.84 -15.92
C GLN C 84 -1.86 6.50 -15.42
N PRO C 85 -0.60 6.50 -14.98
CA PRO C 85 0.09 5.29 -14.48
C PRO C 85 -0.72 4.39 -13.56
N GLU C 86 -1.49 5.00 -12.67
CA GLU C 86 -2.31 4.24 -11.73
C GLU C 86 -3.46 3.48 -12.42
N ASP C 87 -3.74 3.82 -13.69
CA ASP C 87 -4.82 3.15 -14.39
C ASP C 87 -4.45 1.80 -14.96
N ILE C 88 -3.17 1.45 -14.93
CA ILE C 88 -2.78 0.14 -15.44
C ILE C 88 -3.56 -0.91 -14.66
N ALA C 89 -4.42 -1.63 -15.37
CA ALA C 89 -5.26 -2.65 -14.75
C ALA C 89 -5.99 -3.40 -15.84
N THR C 90 -6.99 -4.19 -15.44
CA THR C 90 -7.80 -4.94 -16.37
C THR C 90 -9.20 -4.35 -16.25
N TYR C 91 -9.85 -4.15 -17.38
CA TYR C 91 -11.20 -3.58 -17.37
C TYR C 91 -12.20 -4.56 -17.96
N TYR C 92 -13.32 -4.70 -17.28
CA TYR C 92 -14.37 -5.61 -17.70
C TYR C 92 -15.72 -4.91 -17.82
N CYS C 93 -16.48 -5.25 -18.86
CA CYS C 93 -17.82 -4.71 -18.99
C CYS C 93 -18.73 -5.78 -18.37
N PHE C 94 -19.96 -5.41 -18.04
CA PHE C 94 -20.89 -6.36 -17.44
C PHE C 94 -22.29 -6.04 -17.94
N GLN C 95 -23.03 -7.08 -18.28
CA GLN C 95 -24.39 -6.96 -18.78
C GLN C 95 -25.39 -7.49 -17.74
N GLY C 96 -26.17 -6.59 -17.13
CA GLY C 96 -27.14 -6.99 -16.13
C GLY C 96 -28.60 -6.94 -16.57
N SER C 97 -28.85 -6.54 -17.81
CA SER C 97 -30.21 -6.46 -18.32
C SER C 97 -30.83 -7.83 -18.53
N HIS C 98 -30.58 -8.44 -19.68
CA HIS C 98 -31.13 -9.76 -19.99
C HIS C 98 -30.34 -10.88 -19.31
N VAL C 99 -31.05 -11.76 -18.60
CA VAL C 99 -30.43 -12.88 -17.90
C VAL C 99 -30.06 -13.96 -18.92
N PRO C 100 -28.98 -14.74 -18.66
CA PRO C 100 -28.08 -14.68 -17.49
C PRO C 100 -27.03 -13.58 -17.66
N PHE C 101 -26.66 -13.00 -16.53
CA PHE C 101 -25.68 -11.94 -16.48
C PHE C 101 -24.29 -12.41 -16.88
N THR C 102 -23.60 -11.59 -17.67
CA THR C 102 -22.26 -11.94 -18.12
C THR C 102 -21.27 -10.79 -18.11
N PHE C 103 -20.00 -11.14 -18.03
CA PHE C 103 -18.90 -10.20 -18.02
C PHE C 103 -18.17 -10.31 -19.36
N GLY C 104 -17.44 -9.28 -19.73
CA GLY C 104 -16.67 -9.34 -20.96
C GLY C 104 -15.43 -10.12 -20.56
N GLN C 105 -14.62 -10.52 -21.53
CA GLN C 105 -13.40 -11.28 -21.22
C GLN C 105 -12.34 -10.37 -20.64
N GLY C 106 -12.56 -9.05 -20.73
CA GLY C 106 -11.61 -8.10 -20.18
C GLY C 106 -10.55 -7.56 -21.10
N THR C 107 -9.95 -6.45 -20.69
CA THR C 107 -8.92 -5.78 -21.45
C THR C 107 -7.79 -5.32 -20.53
N LYS C 108 -6.57 -5.70 -20.87
CA LYS C 108 -5.41 -5.33 -20.07
C LYS C 108 -4.91 -4.00 -20.62
N LEU C 109 -4.80 -3.01 -19.76
CA LEU C 109 -4.33 -1.70 -20.18
C LEU C 109 -2.95 -1.42 -19.64
N GLN C 110 -1.98 -1.31 -20.53
CA GLN C 110 -0.60 -1.05 -20.15
C GLN C 110 -0.20 0.37 -20.54
N ILE C 111 0.90 0.85 -19.98
CA ILE C 111 1.40 2.18 -20.31
C ILE C 111 2.60 2.06 -21.25
N THR C 112 2.76 3.07 -22.09
CA THR C 112 3.87 3.12 -23.02
C THR C 112 4.82 4.17 -22.47
N ARG C 113 6.06 3.77 -22.24
CA ARG C 113 7.06 4.69 -21.72
C ARG C 113 8.41 4.47 -22.41
N THR C 114 9.42 5.22 -21.97
CA THR C 114 10.75 5.13 -22.53
C THR C 114 11.47 3.83 -22.14
N VAL C 115 12.17 3.26 -23.10
CA VAL C 115 12.91 2.02 -22.89
C VAL C 115 13.83 2.11 -21.68
N ALA C 116 13.72 1.15 -20.78
CA ALA C 116 14.56 1.11 -19.58
C ALA C 116 15.28 -0.24 -19.50
N ALA C 117 16.60 -0.20 -19.47
CA ALA C 117 17.40 -1.43 -19.42
C ALA C 117 17.22 -2.10 -18.06
N PRO C 118 17.23 -3.44 -18.06
CA PRO C 118 17.08 -4.16 -16.79
C PRO C 118 18.39 -4.38 -16.05
N SER C 119 18.32 -4.50 -14.74
CA SER C 119 19.52 -4.80 -13.93
C SER C 119 19.44 -6.31 -13.78
N VAL C 120 20.56 -7.01 -13.93
CA VAL C 120 20.49 -8.46 -13.82
C VAL C 120 21.27 -9.01 -12.63
N PHE C 121 20.63 -9.90 -11.90
CA PHE C 121 21.21 -10.53 -10.70
C PHE C 121 21.02 -12.03 -10.79
N ILE C 122 21.99 -12.80 -10.29
CA ILE C 122 21.84 -14.25 -10.30
C ILE C 122 22.15 -14.79 -8.90
N PHE C 123 21.36 -15.76 -8.49
CA PHE C 123 21.50 -16.36 -7.17
C PHE C 123 21.78 -17.86 -7.25
N PRO C 124 22.86 -18.33 -6.62
CA PRO C 124 23.17 -19.76 -6.66
C PRO C 124 22.14 -20.42 -5.75
N PRO C 125 22.05 -21.75 -5.76
CA PRO C 125 21.08 -22.43 -4.90
C PRO C 125 21.52 -22.34 -3.44
N SER C 126 20.59 -22.46 -2.51
CA SER C 126 20.94 -22.40 -1.08
C SER C 126 21.36 -23.81 -0.64
N ASP C 127 22.22 -23.88 0.37
CA ASP C 127 22.66 -25.19 0.84
C ASP C 127 21.48 -26.03 1.32
N GLU C 128 20.52 -25.39 2.01
CA GLU C 128 19.36 -26.12 2.50
C GLU C 128 18.67 -26.84 1.34
N GLN C 129 18.48 -26.13 0.23
CA GLN C 129 17.83 -26.74 -0.92
C GLN C 129 18.64 -27.88 -1.53
N LEU C 130 19.95 -27.70 -1.61
CA LEU C 130 20.79 -28.76 -2.18
C LEU C 130 20.59 -30.06 -1.42
N LYS C 131 20.55 -29.99 -0.09
CA LYS C 131 20.33 -31.19 0.69
C LYS C 131 19.04 -31.85 0.23
N SER C 132 18.08 -31.04 -0.19
CA SER C 132 16.79 -31.53 -0.66
C SER C 132 16.89 -32.47 -1.86
N GLY C 133 17.99 -32.38 -2.60
CA GLY C 133 18.16 -33.21 -3.78
C GLY C 133 17.95 -32.45 -5.08
N THR C 134 17.52 -31.19 -4.94
CA THR C 134 17.30 -30.33 -6.10
C THR C 134 18.02 -29.00 -5.93
N ALA C 135 18.23 -28.30 -7.02
CA ALA C 135 18.91 -27.01 -6.99
C ALA C 135 18.14 -26.06 -7.89
N SER C 136 17.96 -24.82 -7.43
CA SER C 136 17.25 -23.82 -8.21
C SER C 136 18.17 -22.60 -8.36
N VAL C 137 18.37 -22.15 -9.60
CA VAL C 137 19.20 -20.98 -9.86
C VAL C 137 18.23 -19.89 -10.31
N VAL C 138 18.30 -18.73 -9.67
CA VAL C 138 17.40 -17.65 -10.00
C VAL C 138 18.07 -16.45 -10.65
N CYS C 139 17.54 -16.07 -11.80
CA CYS C 139 18.04 -14.92 -12.55
C CYS C 139 16.93 -13.87 -12.43
N LEU C 140 17.28 -12.69 -11.92
CA LEU C 140 16.30 -11.62 -11.74
C LEU C 140 16.55 -10.41 -12.64
N LEU C 141 15.49 -10.00 -13.35
CA LEU C 141 15.56 -8.81 -14.20
C LEU C 141 14.72 -7.74 -13.50
N ASN C 142 15.39 -6.68 -13.05
CA ASN C 142 14.71 -5.62 -12.33
C ASN C 142 14.40 -4.35 -13.09
N ASN C 143 13.18 -3.84 -12.84
CA ASN C 143 12.65 -2.59 -13.40
C ASN C 143 13.13 -2.21 -14.80
N PHE C 144 12.46 -2.76 -15.81
CA PHE C 144 12.80 -2.51 -17.20
C PHE C 144 11.56 -2.40 -18.07
N TYR C 145 11.74 -1.87 -19.28
CA TYR C 145 10.64 -1.69 -20.24
C TYR C 145 11.28 -1.56 -21.61
N PRO C 146 10.65 -2.12 -22.67
CA PRO C 146 9.40 -2.89 -22.74
C PRO C 146 9.48 -4.22 -22.00
N ARG C 147 8.37 -4.93 -22.01
CA ARG C 147 8.22 -6.22 -21.35
C ARG C 147 9.03 -7.33 -22.01
N GLU C 148 9.11 -7.28 -23.34
CA GLU C 148 9.84 -8.29 -24.10
C GLU C 148 11.29 -8.40 -23.65
N ALA C 149 11.71 -9.61 -23.33
CA ALA C 149 13.06 -9.87 -22.88
C ALA C 149 13.37 -11.34 -23.03
N LYS C 150 14.54 -11.63 -23.57
CA LYS C 150 14.94 -13.01 -23.75
C LYS C 150 15.99 -13.35 -22.71
N VAL C 151 15.65 -14.26 -21.82
CA VAL C 151 16.55 -14.70 -20.77
C VAL C 151 17.02 -16.12 -21.09
N GLN C 152 18.33 -16.29 -21.23
CA GLN C 152 18.88 -17.60 -21.56
C GLN C 152 19.80 -18.18 -20.52
N TRP C 153 19.69 -19.48 -20.32
CA TRP C 153 20.52 -20.18 -19.37
C TRP C 153 21.62 -20.97 -20.05
N LYS C 154 22.86 -20.78 -19.58
CA LYS C 154 24.00 -21.47 -20.14
C LYS C 154 24.84 -22.08 -19.02
N VAL C 155 25.08 -23.40 -19.12
CA VAL C 155 25.86 -24.13 -18.13
C VAL C 155 27.14 -24.66 -18.76
N ASP C 156 28.27 -24.08 -18.36
CA ASP C 156 29.55 -24.48 -18.94
C ASP C 156 29.47 -24.18 -20.43
N ASN C 157 28.70 -23.14 -20.76
CA ASN C 157 28.47 -22.68 -22.12
C ASN C 157 27.41 -23.46 -22.87
N ALA C 158 26.94 -24.57 -22.30
CA ALA C 158 25.91 -25.36 -22.96
C ALA C 158 24.57 -24.68 -22.80
N LEU C 159 24.06 -24.14 -23.90
CA LEU C 159 22.77 -23.45 -23.86
C LEU C 159 21.66 -24.40 -23.38
N GLN C 160 20.97 -24.02 -22.31
CA GLN C 160 19.89 -24.83 -21.74
C GLN C 160 18.57 -24.66 -22.49
N SER C 161 17.60 -25.49 -22.14
CA SER C 161 16.29 -25.43 -22.78
C SER C 161 15.27 -26.39 -22.16
N GLY C 162 14.08 -25.85 -21.87
CA GLY C 162 13.01 -26.67 -21.31
C GLY C 162 13.10 -27.06 -19.85
N ASN C 163 14.04 -26.47 -19.12
CA ASN C 163 14.23 -26.77 -17.70
C ASN C 163 14.19 -25.50 -16.84
N SER C 164 13.52 -24.46 -17.33
CA SER C 164 13.44 -23.21 -16.58
C SER C 164 12.07 -22.57 -16.77
N GLN C 165 11.66 -21.79 -15.77
CA GLN C 165 10.36 -21.11 -15.83
C GLN C 165 10.51 -19.62 -15.54
N GLU C 166 9.72 -18.82 -16.25
CA GLU C 166 9.73 -17.37 -16.12
C GLU C 166 8.48 -16.85 -15.45
N SER C 167 8.63 -15.75 -14.72
CA SER C 167 7.49 -15.10 -14.09
C SER C 167 7.71 -13.60 -14.15
N VAL C 168 6.68 -12.87 -14.60
CA VAL C 168 6.77 -11.43 -14.73
C VAL C 168 5.76 -10.72 -13.86
N THR C 169 6.19 -9.64 -13.25
CA THR C 169 5.32 -8.87 -12.39
C THR C 169 4.39 -8.04 -13.26
N GLU C 170 3.42 -7.41 -12.62
CA GLU C 170 2.48 -6.54 -13.31
C GLU C 170 3.27 -5.28 -13.58
N GLN C 171 2.93 -4.56 -14.64
CA GLN C 171 3.62 -3.33 -14.97
C GLN C 171 3.48 -2.42 -13.77
N ASP C 172 4.60 -1.98 -13.23
CA ASP C 172 4.60 -1.13 -12.04
C ASP C 172 3.67 0.06 -12.17
N SER C 173 2.98 0.38 -11.08
CA SER C 173 2.02 1.47 -11.07
C SER C 173 2.63 2.86 -10.97
N LYS C 174 3.95 2.94 -10.85
CA LYS C 174 4.61 4.23 -10.75
C LYS C 174 5.60 4.51 -11.87
N ASP C 175 6.65 3.68 -12.00
CA ASP C 175 7.62 3.90 -13.06
C ASP C 175 7.33 3.16 -14.37
N SER C 176 6.18 2.50 -14.44
CA SER C 176 5.77 1.76 -15.63
C SER C 176 6.73 0.66 -16.12
N THR C 177 7.57 0.14 -15.23
CA THR C 177 8.50 -0.92 -15.63
C THR C 177 8.06 -2.29 -15.16
N TYR C 178 8.78 -3.29 -15.62
CA TYR C 178 8.48 -4.67 -15.29
C TYR C 178 9.71 -5.27 -14.62
N SER C 179 9.48 -6.35 -13.88
CA SER C 179 10.56 -7.08 -13.28
C SER C 179 10.26 -8.51 -13.68
N LEU C 180 11.28 -9.34 -13.73
CA LEU C 180 11.07 -10.72 -14.14
C LEU C 180 12.06 -11.66 -13.44
N SER C 181 11.67 -12.93 -13.35
CA SER C 181 12.51 -13.93 -12.73
C SER C 181 12.52 -15.18 -13.61
N SER C 182 13.68 -15.80 -13.72
CA SER C 182 13.79 -17.01 -14.50
C SER C 182 14.44 -18.00 -13.54
N THR C 183 13.84 -19.17 -13.42
CA THR C 183 14.35 -20.19 -12.51
C THR C 183 14.77 -21.46 -13.21
N LEU C 184 16.07 -21.74 -13.17
CA LEU C 184 16.58 -22.95 -13.77
C LEU C 184 16.54 -23.98 -12.66
N THR C 185 15.96 -25.14 -12.93
CA THR C 185 15.87 -26.17 -11.90
C THR C 185 16.49 -27.50 -12.33
N LEU C 186 17.42 -27.98 -11.51
CA LEU C 186 18.12 -29.24 -11.76
C LEU C 186 18.22 -30.06 -10.48
N SER C 187 18.55 -31.35 -10.63
CA SER C 187 18.72 -32.23 -9.47
C SER C 187 20.10 -31.89 -8.92
N LYS C 188 20.41 -32.28 -7.68
CA LYS C 188 21.73 -31.97 -7.11
C LYS C 188 22.81 -32.62 -7.95
N ALA C 189 22.58 -33.89 -8.26
CA ALA C 189 23.49 -34.70 -9.05
C ALA C 189 23.94 -33.98 -10.31
N ASP C 190 22.97 -33.64 -11.14
CA ASP C 190 23.28 -32.98 -12.39
C ASP C 190 23.85 -31.57 -12.17
N TYR C 191 23.47 -30.93 -11.06
CA TYR C 191 23.98 -29.59 -10.75
C TYR C 191 25.44 -29.64 -10.38
N GLU C 192 25.82 -30.67 -9.61
CA GLU C 192 27.21 -30.82 -9.18
C GLU C 192 28.10 -31.42 -10.25
N LYS C 193 27.55 -31.54 -11.46
CA LYS C 193 28.28 -32.07 -12.59
C LYS C 193 28.83 -30.92 -13.42
N HIS C 194 28.58 -29.68 -12.99
CA HIS C 194 29.03 -28.51 -13.74
C HIS C 194 29.66 -27.40 -12.89
N LYS C 195 30.37 -26.50 -13.56
CA LYS C 195 31.07 -25.42 -12.87
C LYS C 195 30.42 -24.04 -12.94
N VAL C 196 30.26 -23.53 -14.15
CA VAL C 196 29.70 -22.19 -14.35
C VAL C 196 28.25 -22.11 -14.81
N TYR C 197 27.46 -21.35 -14.07
CA TYR C 197 26.06 -21.15 -14.39
C TYR C 197 25.92 -19.69 -14.78
N ALA C 198 25.16 -19.43 -15.84
CA ALA C 198 24.99 -18.06 -16.30
C ALA C 198 23.69 -17.81 -17.02
N CYS C 199 23.12 -16.61 -16.85
CA CYS C 199 21.92 -16.28 -17.59
C CYS C 199 22.24 -15.06 -18.42
N GLU C 200 22.00 -15.18 -19.70
CA GLU C 200 22.27 -14.16 -20.70
C GLU C 200 20.99 -13.42 -20.97
N VAL C 201 20.99 -12.12 -20.71
CA VAL C 201 19.82 -11.28 -20.92
C VAL C 201 19.89 -10.40 -22.16
N THR C 202 18.91 -10.55 -23.03
CA THR C 202 18.81 -9.78 -24.26
C THR C 202 17.58 -8.92 -24.13
N HIS C 203 17.77 -7.60 -24.15
CA HIS C 203 16.66 -6.66 -24.04
C HIS C 203 16.94 -5.44 -24.92
N GLN C 204 15.88 -4.75 -25.31
CA GLN C 204 16.02 -3.59 -26.18
C GLN C 204 16.85 -2.46 -25.59
N GLY C 205 17.01 -2.45 -24.27
CA GLY C 205 17.80 -1.41 -23.63
C GLY C 205 19.27 -1.79 -23.49
N LEU C 206 19.64 -2.97 -24.01
CA LEU C 206 21.01 -3.45 -23.94
C LEU C 206 21.65 -3.57 -25.32
N SER C 207 22.85 -3.00 -25.47
CA SER C 207 23.57 -3.06 -26.75
C SER C 207 23.99 -4.48 -27.03
N SER C 208 24.48 -5.17 -26.02
CA SER C 208 24.90 -6.55 -26.19
C SER C 208 24.39 -7.32 -24.98
N PRO C 209 23.96 -8.56 -25.20
CA PRO C 209 23.45 -9.38 -24.10
C PRO C 209 24.30 -9.31 -22.83
N VAL C 210 23.64 -9.01 -21.72
CA VAL C 210 24.29 -8.93 -20.43
C VAL C 210 24.28 -10.33 -19.82
N THR C 211 25.44 -10.81 -19.40
CA THR C 211 25.52 -12.13 -18.79
C THR C 211 26.01 -12.06 -17.35
N LYS C 212 25.25 -12.66 -16.45
CA LYS C 212 25.64 -12.70 -15.03
C LYS C 212 25.92 -14.17 -14.72
N SER C 213 27.02 -14.43 -14.03
CA SER C 213 27.39 -15.82 -13.74
C SER C 213 28.19 -16.05 -12.47
N PHE C 214 28.31 -17.32 -12.09
CA PHE C 214 29.07 -17.72 -10.91
C PHE C 214 29.62 -19.13 -11.15
N ASN C 215 30.57 -19.53 -10.33
CA ASN C 215 31.17 -20.86 -10.44
C ASN C 215 30.74 -21.66 -9.20
N ARG C 216 30.22 -22.86 -9.39
CA ARG C 216 29.81 -23.68 -8.25
C ARG C 216 31.05 -23.76 -7.34
N GLY C 217 31.06 -22.95 -6.30
CA GLY C 217 32.19 -22.90 -5.38
C GLY C 217 32.47 -21.43 -5.10
N GLU C 218 33.50 -20.89 -5.74
CA GLU C 218 33.85 -19.48 -5.57
C GLU C 218 34.37 -18.83 -6.86
N CYS C 219 33.95 -17.58 -7.07
CA CYS C 219 34.26 -16.75 -8.24
C CYS C 219 35.55 -17.02 -8.98
N GLU D 1 -19.05 2.91 7.75
CA GLU D 1 -18.48 2.68 6.40
C GLU D 1 -18.90 1.29 5.92
N VAL D 2 -19.15 1.15 4.63
CA VAL D 2 -19.56 -0.14 4.07
C VAL D 2 -18.45 -1.19 4.06
N GLN D 3 -18.72 -2.34 4.67
CA GLN D 3 -17.74 -3.43 4.72
C GLN D 3 -18.36 -4.78 4.41
N LEU D 4 -17.59 -5.64 3.75
CA LEU D 4 -18.00 -7.00 3.42
C LEU D 4 -16.79 -7.92 3.64
N VAL D 5 -17.03 -9.07 4.27
CA VAL D 5 -15.96 -10.02 4.55
C VAL D 5 -16.40 -11.47 4.35
N GLU D 6 -15.77 -12.15 3.40
CA GLU D 6 -16.09 -13.54 3.12
C GLU D 6 -15.18 -14.50 3.86
N SER D 7 -15.69 -15.70 4.14
CA SER D 7 -14.92 -16.72 4.83
C SER D 7 -15.50 -18.10 4.54
N GLY D 8 -14.73 -19.13 4.85
CA GLY D 8 -15.21 -20.48 4.60
C GLY D 8 -14.55 -21.13 3.40
N GLY D 9 -13.88 -20.34 2.57
CA GLY D 9 -13.22 -20.91 1.41
C GLY D 9 -12.20 -21.94 1.89
N GLY D 10 -11.82 -22.86 1.02
CA GLY D 10 -10.84 -23.85 1.41
C GLY D 10 -10.48 -24.79 0.28
N VAL D 11 -9.73 -25.84 0.62
CA VAL D 11 -9.33 -26.85 -0.35
C VAL D 11 -10.28 -28.03 -0.11
N VAL D 12 -10.88 -28.53 -1.18
CA VAL D 12 -11.83 -29.62 -1.05
C VAL D 12 -11.73 -30.58 -2.23
N GLN D 13 -12.05 -31.85 -1.99
CA GLN D 13 -11.99 -32.86 -3.04
C GLN D 13 -13.26 -32.86 -3.86
N PRO D 14 -13.16 -33.28 -5.13
CA PRO D 14 -14.36 -33.30 -5.99
C PRO D 14 -15.50 -34.07 -5.30
N GLY D 15 -16.69 -33.47 -5.27
CA GLY D 15 -17.82 -34.12 -4.63
C GLY D 15 -18.18 -33.65 -3.23
N ARG D 16 -17.24 -32.97 -2.58
CA ARG D 16 -17.51 -32.47 -1.23
C ARG D 16 -18.28 -31.17 -1.30
N SER D 17 -18.67 -30.67 -0.14
CA SER D 17 -19.40 -29.42 -0.02
C SER D 17 -18.57 -28.42 0.77
N LEU D 18 -18.84 -27.15 0.54
CA LEU D 18 -18.14 -26.10 1.24
C LEU D 18 -19.17 -24.99 1.44
N ARG D 19 -19.14 -24.36 2.60
CA ARG D 19 -20.11 -23.31 2.90
C ARG D 19 -19.44 -21.96 3.10
N LEU D 20 -19.74 -21.01 2.23
CA LEU D 20 -19.15 -19.68 2.31
C LEU D 20 -20.10 -18.70 2.99
N SER D 21 -19.52 -17.81 3.81
CA SER D 21 -20.28 -16.81 4.52
C SER D 21 -19.74 -15.43 4.19
N CYS D 22 -20.66 -14.48 4.16
CA CYS D 22 -20.33 -13.10 3.87
C CYS D 22 -20.96 -12.26 4.95
N SER D 23 -20.14 -11.71 5.84
CA SER D 23 -20.67 -10.87 6.92
C SER D 23 -20.56 -9.42 6.48
N THR D 24 -21.63 -8.66 6.65
CA THR D 24 -21.59 -7.26 6.24
C THR D 24 -21.83 -6.28 7.38
N SER D 25 -21.49 -5.02 7.16
CA SER D 25 -21.68 -3.97 8.14
C SER D 25 -21.57 -2.65 7.39
N GLY D 26 -22.18 -1.60 7.94
CA GLY D 26 -22.11 -0.31 7.29
C GLY D 26 -23.30 0.09 6.41
N PHE D 27 -24.33 -0.74 6.36
CA PHE D 27 -25.52 -0.42 5.57
C PHE D 27 -26.70 -1.29 6.02
N THR D 28 -27.89 -1.07 5.45
CA THR D 28 -29.07 -1.83 5.83
C THR D 28 -29.22 -3.11 5.00
N PHE D 29 -28.55 -4.17 5.43
CA PHE D 29 -28.53 -5.47 4.76
C PHE D 29 -29.85 -5.91 4.13
N SER D 30 -30.90 -5.96 4.94
CA SER D 30 -32.21 -6.38 4.48
C SER D 30 -32.79 -5.50 3.38
N ASP D 31 -32.10 -4.41 3.07
CA ASP D 31 -32.56 -3.50 2.02
C ASP D 31 -32.01 -3.84 0.62
N TYR D 32 -30.93 -4.62 0.55
CA TYR D 32 -30.35 -4.93 -0.76
C TYR D 32 -30.27 -6.38 -1.24
N TYR D 33 -30.21 -6.49 -2.57
CA TYR D 33 -30.05 -7.77 -3.23
C TYR D 33 -28.58 -8.08 -3.02
N MET D 34 -28.25 -9.33 -2.76
CA MET D 34 -26.86 -9.68 -2.54
C MET D 34 -26.34 -10.59 -3.65
N TYR D 35 -25.04 -10.47 -3.93
CA TYR D 35 -24.43 -11.23 -4.99
C TYR D 35 -23.17 -12.00 -4.62
N TRP D 36 -22.94 -13.06 -5.38
CA TRP D 36 -21.75 -13.88 -5.24
C TRP D 36 -21.15 -13.89 -6.64
N VAL D 37 -19.87 -13.54 -6.75
CA VAL D 37 -19.17 -13.52 -8.02
C VAL D 37 -17.85 -14.23 -7.77
N ARG D 38 -17.37 -14.98 -8.76
CA ARG D 38 -16.11 -15.68 -8.57
C ARG D 38 -15.15 -15.42 -9.72
N GLN D 39 -13.88 -15.76 -9.48
CA GLN D 39 -12.84 -15.57 -10.47
C GLN D 39 -11.88 -16.74 -10.49
N ALA D 40 -11.89 -17.52 -11.57
CA ALA D 40 -10.99 -18.66 -11.67
C ALA D 40 -9.61 -18.09 -11.93
N PRO D 41 -8.56 -18.78 -11.44
CA PRO D 41 -7.18 -18.32 -11.62
C PRO D 41 -6.86 -17.95 -13.06
N GLY D 42 -6.30 -16.76 -13.23
CA GLY D 42 -5.94 -16.29 -14.56
C GLY D 42 -7.11 -16.05 -15.49
N LYS D 43 -8.33 -16.15 -14.97
CA LYS D 43 -9.52 -15.94 -15.78
C LYS D 43 -10.28 -14.66 -15.47
N GLY D 44 -11.39 -14.48 -16.16
CA GLY D 44 -12.21 -13.29 -15.96
C GLY D 44 -13.19 -13.51 -14.83
N LEU D 45 -14.13 -12.60 -14.68
CA LEU D 45 -15.13 -12.70 -13.62
C LEU D 45 -16.33 -13.48 -14.13
N GLU D 46 -17.08 -14.06 -13.20
CA GLU D 46 -18.25 -14.84 -13.54
C GLU D 46 -19.30 -14.69 -12.42
N TRP D 47 -20.48 -14.21 -12.80
CA TRP D 47 -21.55 -14.04 -11.83
C TRP D 47 -21.99 -15.43 -11.42
N VAL D 48 -22.18 -15.63 -10.12
CA VAL D 48 -22.54 -16.92 -9.58
C VAL D 48 -23.91 -17.04 -8.92
N ALA D 49 -24.42 -15.95 -8.35
CA ALA D 49 -25.72 -16.01 -7.68
C ALA D 49 -26.19 -14.67 -7.15
N TYR D 50 -27.49 -14.55 -6.97
CA TYR D 50 -28.07 -13.34 -6.42
C TYR D 50 -29.29 -13.73 -5.59
N MET D 51 -29.70 -12.86 -4.68
CA MET D 51 -30.86 -13.14 -3.85
C MET D 51 -31.54 -11.83 -3.44
N SER D 52 -32.86 -11.85 -3.43
CA SER D 52 -33.62 -10.65 -3.07
C SER D 52 -33.45 -10.36 -1.59
N ASN D 53 -33.51 -9.08 -1.26
CA ASN D 53 -33.38 -8.66 0.13
C ASN D 53 -34.41 -9.45 0.94
N VAL D 54 -35.62 -9.55 0.39
CA VAL D 54 -36.71 -10.29 1.02
C VAL D 54 -37.53 -10.99 -0.06
N GLY D 55 -38.03 -12.18 0.24
CA GLY D 55 -38.83 -12.90 -0.73
C GLY D 55 -38.20 -14.19 -1.23
N ALA D 56 -36.93 -14.39 -0.90
CA ALA D 56 -36.21 -15.59 -1.30
C ALA D 56 -36.12 -15.79 -2.81
N ILE D 57 -36.18 -14.70 -3.57
CA ILE D 57 -36.06 -14.81 -5.02
C ILE D 57 -34.57 -15.03 -5.33
N THR D 58 -34.25 -16.09 -6.07
CA THR D 58 -32.86 -16.36 -6.41
C THR D 58 -32.67 -16.75 -7.87
N ASP D 59 -31.42 -16.92 -8.26
CA ASP D 59 -31.09 -17.31 -9.63
C ASP D 59 -29.58 -17.48 -9.74
N TYR D 60 -29.15 -18.31 -10.70
CA TYR D 60 -27.74 -18.59 -10.89
C TYR D 60 -27.43 -18.88 -12.35
N PRO D 61 -26.15 -18.82 -12.74
CA PRO D 61 -25.86 -19.13 -14.14
C PRO D 61 -26.00 -20.64 -14.25
N ASP D 62 -26.20 -21.15 -15.46
CA ASP D 62 -26.37 -22.58 -15.66
C ASP D 62 -25.28 -23.49 -15.11
N THR D 63 -24.05 -23.00 -15.07
CA THR D 63 -22.93 -23.79 -14.56
C THR D 63 -23.03 -24.26 -13.10
N VAL D 64 -23.83 -23.57 -12.28
CA VAL D 64 -23.94 -23.95 -10.87
C VAL D 64 -25.36 -24.26 -10.41
N LYS D 65 -26.36 -24.09 -11.27
CA LYS D 65 -27.74 -24.39 -10.89
C LYS D 65 -27.84 -25.82 -10.38
N GLY D 66 -28.45 -25.99 -9.21
CA GLY D 66 -28.61 -27.33 -8.67
C GLY D 66 -27.59 -27.75 -7.62
N ARG D 67 -26.39 -27.16 -7.71
CA ARG D 67 -25.30 -27.49 -6.80
C ARG D 67 -25.04 -26.39 -5.78
N PHE D 68 -25.21 -25.15 -6.21
CA PHE D 68 -24.99 -24.00 -5.35
C PHE D 68 -26.34 -23.47 -4.84
N THR D 69 -26.35 -22.98 -3.61
CA THR D 69 -27.57 -22.44 -3.04
C THR D 69 -27.20 -21.21 -2.21
N ILE D 70 -27.68 -20.06 -2.65
CA ILE D 70 -27.44 -18.82 -1.95
C ILE D 70 -28.55 -18.70 -0.94
N SER D 71 -28.32 -17.96 0.14
CA SER D 71 -29.32 -17.78 1.18
C SER D 71 -28.82 -16.67 2.08
N ARG D 72 -29.70 -16.17 2.97
CA ARG D 72 -29.32 -15.08 3.86
C ARG D 72 -29.94 -15.12 5.25
N ASP D 73 -29.46 -14.23 6.10
CA ASP D 73 -29.98 -14.09 7.45
C ASP D 73 -30.04 -12.61 7.72
N ASN D 74 -31.14 -11.99 7.32
CA ASN D 74 -31.31 -10.56 7.52
C ASN D 74 -31.21 -10.15 8.99
N SER D 75 -30.91 -11.09 9.87
CA SER D 75 -30.81 -10.80 11.29
C SER D 75 -29.36 -10.78 11.76
N LYS D 76 -28.47 -11.34 10.94
CA LYS D 76 -27.06 -11.38 11.27
C LYS D 76 -26.19 -10.76 10.17
N ASN D 77 -26.80 -9.93 9.33
CA ASN D 77 -26.07 -9.29 8.23
C ASN D 77 -25.16 -10.29 7.53
N THR D 78 -25.67 -11.50 7.29
CA THR D 78 -24.87 -12.53 6.66
C THR D 78 -25.51 -13.18 5.45
N LEU D 79 -24.70 -13.34 4.39
CA LEU D 79 -25.12 -13.96 3.15
C LEU D 79 -24.36 -15.28 3.05
N PHE D 80 -25.03 -16.34 2.60
CA PHE D 80 -24.38 -17.65 2.50
C PHE D 80 -24.38 -18.26 1.09
N LEU D 81 -23.40 -19.13 0.84
CA LEU D 81 -23.34 -19.83 -0.44
C LEU D 81 -23.01 -21.28 -0.15
N GLN D 82 -24.03 -22.12 -0.14
CA GLN D 82 -23.86 -23.54 0.09
C GLN D 82 -23.38 -24.10 -1.26
N MET D 83 -22.23 -24.77 -1.27
CA MET D 83 -21.69 -25.34 -2.50
C MET D 83 -21.56 -26.85 -2.42
N ASP D 84 -22.52 -27.56 -3.00
CA ASP D 84 -22.51 -29.01 -3.00
C ASP D 84 -21.99 -29.57 -4.32
N SER D 85 -21.41 -30.77 -4.26
CA SER D 85 -20.88 -31.43 -5.46
C SER D 85 -19.83 -30.59 -6.20
N LEU D 86 -18.89 -30.02 -5.46
CA LEU D 86 -17.87 -29.18 -6.10
C LEU D 86 -17.11 -29.93 -7.19
N ARG D 87 -16.58 -29.17 -8.15
CA ARG D 87 -15.82 -29.72 -9.27
C ARG D 87 -14.56 -28.87 -9.46
N PRO D 88 -13.46 -29.51 -9.91
CA PRO D 88 -12.20 -28.78 -10.13
C PRO D 88 -12.43 -27.40 -10.73
N GLU D 89 -13.39 -27.33 -11.65
CA GLU D 89 -13.74 -26.08 -12.32
C GLU D 89 -14.22 -24.98 -11.38
N ASP D 90 -14.83 -25.35 -10.26
CA ASP D 90 -15.33 -24.39 -9.29
C ASP D 90 -14.17 -23.72 -8.55
N THR D 91 -12.95 -24.09 -8.92
CA THR D 91 -11.77 -23.52 -8.30
C THR D 91 -11.66 -22.05 -8.69
N GLY D 92 -11.40 -21.20 -7.69
CA GLY D 92 -11.27 -19.77 -7.94
C GLY D 92 -11.51 -18.96 -6.67
N VAL D 93 -11.53 -17.64 -6.82
CA VAL D 93 -11.76 -16.75 -5.68
C VAL D 93 -13.23 -16.37 -5.65
N TYR D 94 -13.86 -16.48 -4.48
CA TYR D 94 -15.27 -16.14 -4.37
C TYR D 94 -15.45 -14.83 -3.63
N PHE D 95 -16.09 -13.88 -4.31
CA PHE D 95 -16.33 -12.57 -3.78
C PHE D 95 -17.82 -12.36 -3.47
N CYS D 96 -18.02 -11.51 -2.48
CA CYS D 96 -19.33 -11.13 -2.01
C CYS D 96 -19.53 -9.71 -2.54
N ALA D 97 -20.72 -9.40 -3.03
CA ALA D 97 -20.94 -8.05 -3.54
C ALA D 97 -22.33 -7.53 -3.21
N ARG D 98 -22.48 -6.22 -3.34
CA ARG D 98 -23.73 -5.53 -3.07
C ARG D 98 -23.82 -4.32 -4.00
N GLY D 99 -25.00 -4.06 -4.56
CA GLY D 99 -25.17 -2.94 -5.47
C GLY D 99 -25.73 -1.67 -4.85
N THR D 100 -26.32 -0.82 -5.67
CA THR D 100 -26.90 0.43 -5.17
C THR D 100 -28.39 0.51 -5.50
N ARG D 101 -29.10 1.27 -4.70
CA ARG D 101 -30.53 1.44 -4.90
C ARG D 101 -30.91 1.92 -6.30
N ASP D 102 -30.01 2.61 -6.98
CA ASP D 102 -30.35 3.14 -8.30
C ASP D 102 -29.84 2.42 -9.55
N GLY D 103 -29.76 1.08 -9.51
CA GLY D 103 -29.34 0.35 -10.70
C GLY D 103 -27.92 -0.17 -10.80
N SER D 104 -27.24 -0.29 -9.67
CA SER D 104 -25.88 -0.79 -9.67
C SER D 104 -25.87 -2.26 -9.25
N TRP D 105 -24.95 -3.04 -9.79
CA TRP D 105 -24.84 -4.46 -9.47
C TRP D 105 -23.78 -4.79 -8.41
N PHE D 106 -22.53 -4.46 -8.69
CA PHE D 106 -21.44 -4.76 -7.77
C PHE D 106 -20.70 -3.49 -7.36
N ALA D 107 -21.34 -2.66 -6.54
CA ALA D 107 -20.73 -1.42 -6.11
C ALA D 107 -19.76 -1.58 -4.94
N TYR D 108 -19.97 -2.61 -4.13
CA TYR D 108 -19.10 -2.87 -2.99
C TYR D 108 -18.77 -4.36 -2.99
N TRP D 109 -17.50 -4.69 -2.84
CA TRP D 109 -17.07 -6.08 -2.84
C TRP D 109 -16.35 -6.47 -1.56
N GLY D 110 -16.35 -7.76 -1.23
CA GLY D 110 -15.64 -8.22 -0.07
C GLY D 110 -14.20 -8.41 -0.56
N GLN D 111 -13.29 -8.85 0.32
CA GLN D 111 -11.91 -9.02 -0.11
C GLN D 111 -11.75 -10.30 -0.93
N GLY D 112 -12.65 -11.24 -0.73
CA GLY D 112 -12.57 -12.49 -1.47
C GLY D 112 -12.09 -13.64 -0.62
N THR D 113 -12.53 -14.84 -0.97
CA THR D 113 -12.18 -16.05 -0.25
C THR D 113 -11.78 -17.12 -1.29
N PRO D 114 -10.60 -17.74 -1.11
CA PRO D 114 -10.08 -18.75 -2.02
C PRO D 114 -10.66 -20.15 -1.85
N VAL D 115 -11.09 -20.74 -2.95
CA VAL D 115 -11.65 -22.08 -2.92
C VAL D 115 -10.96 -22.91 -3.98
N THR D 116 -10.54 -24.11 -3.61
CA THR D 116 -9.88 -25.00 -4.55
C THR D 116 -10.48 -26.37 -4.45
N VAL D 117 -10.92 -26.92 -5.58
CA VAL D 117 -11.48 -28.26 -5.57
C VAL D 117 -10.53 -29.14 -6.37
N SER D 118 -9.78 -29.97 -5.65
CA SER D 118 -8.82 -30.85 -6.28
C SER D 118 -8.72 -32.21 -5.60
N SER D 119 -8.34 -33.21 -6.39
CA SER D 119 -8.16 -34.57 -5.87
C SER D 119 -6.70 -34.69 -5.45
N ALA D 120 -5.88 -33.75 -5.92
CA ALA D 120 -4.46 -33.73 -5.56
C ALA D 120 -4.39 -33.36 -4.09
N SER D 121 -3.31 -33.75 -3.43
CA SER D 121 -3.17 -33.48 -2.00
C SER D 121 -2.48 -32.15 -1.67
N THR D 122 -3.02 -31.45 -0.67
CA THR D 122 -2.47 -30.18 -0.21
C THR D 122 -0.99 -30.33 0.15
N LYS D 123 -0.19 -29.31 -0.13
CA LYS D 123 1.25 -29.37 0.17
C LYS D 123 1.86 -28.00 0.49
N GLY D 124 2.45 -27.89 1.68
CA GLY D 124 3.09 -26.66 2.12
C GLY D 124 4.41 -26.43 1.40
N PRO D 125 4.86 -25.17 1.27
CA PRO D 125 6.11 -24.85 0.59
C PRO D 125 7.39 -24.85 1.44
N SER D 126 8.53 -24.86 0.74
CA SER D 126 9.84 -24.79 1.37
C SER D 126 10.22 -23.34 1.14
N VAL D 127 10.99 -22.76 2.05
CA VAL D 127 11.39 -21.39 1.87
C VAL D 127 12.91 -21.29 1.95
N PHE D 128 13.54 -21.15 0.79
CA PHE D 128 14.99 -21.03 0.69
C PHE D 128 15.35 -19.57 0.45
N PRO D 129 16.43 -19.08 1.08
CA PRO D 129 16.84 -17.70 0.90
C PRO D 129 17.63 -17.43 -0.38
N LEU D 130 17.44 -16.24 -0.94
CA LEU D 130 18.16 -15.81 -2.12
C LEU D 130 19.14 -14.80 -1.52
N ALA D 131 20.24 -15.35 -1.00
CA ALA D 131 21.27 -14.55 -0.33
C ALA D 131 21.96 -13.50 -1.17
N PRO D 132 22.03 -12.26 -0.66
CA PRO D 132 22.69 -11.19 -1.41
C PRO D 132 24.19 -11.45 -1.41
N SER D 133 24.81 -11.30 -2.56
CA SER D 133 26.24 -11.49 -2.72
C SER D 133 26.69 -10.55 -3.84
N SER D 134 27.93 -10.71 -4.32
CA SER D 134 28.42 -9.86 -5.39
C SER D 134 27.80 -10.30 -6.71
N LYS D 135 27.09 -11.43 -6.68
CA LYS D 135 26.41 -11.94 -7.86
C LYS D 135 24.99 -11.37 -7.81
N SER D 136 24.60 -10.92 -6.61
CA SER D 136 23.29 -10.31 -6.37
C SER D 136 23.42 -8.79 -6.45
N THR D 137 24.63 -8.31 -6.71
CA THR D 137 24.86 -6.88 -6.82
C THR D 137 25.03 -6.52 -8.28
N SER D 138 24.80 -5.24 -8.59
CA SER D 138 24.92 -4.74 -9.97
C SER D 138 25.38 -3.29 -9.87
N GLY D 139 24.59 -2.39 -10.45
CA GLY D 139 24.94 -0.98 -10.44
C GLY D 139 24.83 -0.32 -9.07
N GLY D 140 25.48 -0.91 -8.08
CA GLY D 140 25.42 -0.37 -6.73
C GLY D 140 24.16 -0.85 -6.03
N THR D 141 23.43 -1.73 -6.71
CA THR D 141 22.20 -2.28 -6.17
C THR D 141 22.41 -3.73 -5.74
N ALA D 142 22.08 -4.03 -4.50
CA ALA D 142 22.19 -5.39 -4.02
C ALA D 142 20.78 -5.98 -4.14
N ALA D 143 20.69 -7.29 -4.31
CA ALA D 143 19.39 -7.94 -4.43
C ALA D 143 19.34 -9.18 -3.54
N LEU D 144 18.19 -9.40 -2.93
CA LEU D 144 18.02 -10.56 -2.07
C LEU D 144 16.55 -10.90 -2.07
N GLY D 145 16.23 -12.12 -1.69
CA GLY D 145 14.85 -12.55 -1.67
C GLY D 145 14.69 -13.89 -0.99
N CYS D 146 13.58 -14.55 -1.32
CA CYS D 146 13.25 -15.86 -0.78
C CYS D 146 12.59 -16.60 -1.92
N LEU D 147 12.71 -17.92 -1.91
CA LEU D 147 12.13 -18.75 -2.93
C LEU D 147 11.06 -19.61 -2.24
N VAL D 148 9.83 -19.54 -2.73
CA VAL D 148 8.75 -20.31 -2.15
C VAL D 148 8.42 -21.43 -3.14
N LYS D 149 8.99 -22.61 -2.87
CA LYS D 149 8.88 -23.75 -3.75
C LYS D 149 7.94 -24.91 -3.39
N ASP D 150 7.56 -25.64 -4.44
CA ASP D 150 6.72 -26.81 -4.37
C ASP D 150 5.56 -26.82 -3.39
N TYR D 151 4.49 -26.09 -3.70
CA TYR D 151 3.35 -26.07 -2.81
C TYR D 151 2.08 -26.23 -3.64
N PHE D 152 1.00 -26.61 -2.98
CA PHE D 152 -0.28 -26.79 -3.66
C PHE D 152 -1.39 -26.70 -2.63
N PRO D 153 -2.47 -25.95 -2.94
CA PRO D 153 -2.69 -25.20 -4.18
C PRO D 153 -2.46 -23.71 -3.90
N GLN D 154 -3.00 -22.85 -4.76
CA GLN D 154 -2.89 -21.42 -4.54
C GLN D 154 -3.79 -21.18 -3.33
N PRO D 155 -3.58 -20.09 -2.58
CA PRO D 155 -2.54 -19.08 -2.79
C PRO D 155 -1.53 -19.03 -1.65
N VAL D 156 -0.47 -18.26 -1.87
CA VAL D 156 0.59 -18.06 -0.90
C VAL D 156 0.74 -16.55 -0.71
N THR D 157 0.77 -16.09 0.53
CA THR D 157 0.95 -14.67 0.80
C THR D 157 2.40 -14.47 1.26
N VAL D 158 3.03 -13.41 0.77
CA VAL D 158 4.42 -13.12 1.15
C VAL D 158 4.57 -11.66 1.55
N SER D 159 5.32 -11.43 2.62
CA SER D 159 5.56 -10.07 3.09
C SER D 159 6.98 -10.03 3.62
N TRP D 160 7.54 -8.83 3.75
CA TRP D 160 8.89 -8.65 4.28
C TRP D 160 8.86 -7.83 5.58
N ASN D 161 9.56 -8.31 6.60
CA ASN D 161 9.61 -7.63 7.89
C ASN D 161 8.21 -7.36 8.46
N SER D 162 7.34 -8.37 8.40
CA SER D 162 5.98 -8.27 8.91
C SER D 162 5.19 -7.11 8.31
N GLY D 163 5.61 -6.64 7.13
CA GLY D 163 4.94 -5.54 6.50
C GLY D 163 5.75 -4.26 6.52
N ALA D 164 6.71 -4.17 7.43
CA ALA D 164 7.53 -2.96 7.55
C ALA D 164 8.40 -2.68 6.33
N LEU D 165 8.53 -3.65 5.44
CA LEU D 165 9.37 -3.45 4.26
C LEU D 165 8.55 -3.68 3.01
N THR D 166 8.44 -2.64 2.18
CA THR D 166 7.67 -2.75 0.94
C THR D 166 8.31 -2.09 -0.26
N SER D 167 9.27 -1.20 -0.03
CA SER D 167 9.91 -0.53 -1.13
C SER D 167 10.93 -1.42 -1.84
N GLY D 168 10.91 -1.40 -3.18
CA GLY D 168 11.82 -2.22 -3.94
C GLY D 168 11.46 -3.68 -3.93
N VAL D 169 10.30 -4.02 -3.40
CA VAL D 169 9.88 -5.42 -3.34
C VAL D 169 9.14 -5.90 -4.59
N HIS D 170 9.46 -7.11 -5.02
CA HIS D 170 8.81 -7.69 -6.17
C HIS D 170 8.42 -9.13 -5.78
N THR D 171 7.12 -9.39 -5.69
CA THR D 171 6.65 -10.73 -5.38
C THR D 171 6.00 -11.26 -6.64
N PHE D 172 6.75 -12.10 -7.35
CA PHE D 172 6.29 -12.67 -8.60
C PHE D 172 5.07 -13.54 -8.57
N PRO D 173 4.35 -13.59 -9.70
CA PRO D 173 3.15 -14.41 -9.82
C PRO D 173 3.61 -15.85 -9.73
N ALA D 174 2.82 -16.69 -9.08
CA ALA D 174 3.17 -18.09 -8.96
C ALA D 174 3.22 -18.72 -10.34
N VAL D 175 3.99 -19.79 -10.45
CA VAL D 175 4.10 -20.49 -11.72
C VAL D 175 3.99 -21.97 -11.40
N LEU D 176 3.08 -22.65 -12.11
CA LEU D 176 2.87 -24.08 -11.90
C LEU D 176 3.97 -24.90 -12.55
N GLN D 177 4.67 -25.68 -11.73
CA GLN D 177 5.75 -26.53 -12.23
C GLN D 177 5.21 -27.79 -12.90
N SER D 178 6.06 -28.49 -13.64
CA SER D 178 5.63 -29.71 -14.31
C SER D 178 5.27 -30.74 -13.27
N SER D 179 5.91 -30.64 -12.10
CA SER D 179 5.67 -31.56 -11.01
C SER D 179 4.21 -31.52 -10.56
N GLY D 180 3.52 -30.43 -10.88
CA GLY D 180 2.14 -30.28 -10.48
C GLY D 180 2.02 -29.33 -9.30
N LEU D 181 3.18 -28.86 -8.83
CA LEU D 181 3.23 -27.94 -7.69
C LEU D 181 3.55 -26.51 -8.15
N TYR D 182 3.17 -25.55 -7.32
CA TYR D 182 3.42 -24.15 -7.62
C TYR D 182 4.72 -23.67 -6.99
N SER D 183 5.25 -22.58 -7.54
CA SER D 183 6.48 -21.99 -7.03
C SER D 183 6.50 -20.51 -7.41
N LEU D 184 7.07 -19.68 -6.53
CA LEU D 184 7.20 -18.24 -6.77
C LEU D 184 8.38 -17.69 -5.96
N SER D 185 8.83 -16.50 -6.33
CA SER D 185 9.94 -15.86 -5.64
C SER D 185 9.58 -14.43 -5.28
N SER D 186 10.06 -13.98 -4.12
CA SER D 186 9.82 -12.59 -3.71
C SER D 186 11.22 -12.05 -3.52
N VAL D 187 11.48 -10.90 -4.12
CA VAL D 187 12.80 -10.29 -4.02
C VAL D 187 12.67 -8.82 -3.68
N VAL D 188 13.81 -8.19 -3.41
CA VAL D 188 13.87 -6.77 -3.08
C VAL D 188 15.28 -6.25 -3.35
N THR D 189 15.37 -5.06 -3.92
CA THR D 189 16.67 -4.45 -4.20
C THR D 189 16.94 -3.36 -3.16
N VAL D 190 18.21 -3.10 -2.89
CA VAL D 190 18.63 -2.08 -1.93
C VAL D 190 20.01 -1.58 -2.35
N PRO D 191 20.36 -0.35 -1.97
CA PRO D 191 21.70 0.11 -2.36
C PRO D 191 22.69 -0.82 -1.66
N SER D 192 23.77 -1.19 -2.34
CA SER D 192 24.79 -2.06 -1.80
C SER D 192 25.32 -1.61 -0.44
N SER D 193 25.64 -0.32 -0.36
CA SER D 193 26.17 0.28 0.86
C SER D 193 25.26 0.09 2.08
N SER D 194 24.06 -0.40 1.83
CA SER D 194 23.13 -0.68 2.93
C SER D 194 23.49 -2.12 3.29
N LEU D 195 22.48 -2.98 3.42
CA LEU D 195 22.75 -4.37 3.77
C LEU D 195 23.48 -4.40 5.10
N GLY D 196 22.78 -4.87 6.13
CA GLY D 196 23.39 -4.91 7.45
C GLY D 196 22.86 -3.67 8.11
N THR D 197 22.42 -2.73 7.29
CA THR D 197 21.88 -1.48 7.77
C THR D 197 20.49 -1.84 8.30
N GLN D 198 20.14 -3.11 8.16
CA GLN D 198 18.85 -3.62 8.59
C GLN D 198 18.80 -5.12 8.29
N THR D 199 17.88 -5.84 8.91
CA THR D 199 17.75 -7.27 8.63
C THR D 199 16.59 -7.44 7.68
N TYR D 200 16.58 -8.55 6.97
CA TYR D 200 15.53 -8.83 6.00
C TYR D 200 14.92 -10.19 6.27
N ILE D 201 13.62 -10.21 6.50
CA ILE D 201 12.95 -11.46 6.77
C ILE D 201 11.68 -11.60 5.95
N CYS D 202 11.56 -12.71 5.23
CA CYS D 202 10.35 -12.91 4.44
C CYS D 202 9.35 -13.67 5.30
N ASN D 203 8.07 -13.35 5.15
CA ASN D 203 7.01 -14.00 5.91
C ASN D 203 6.17 -14.78 4.92
N VAL D 204 6.18 -16.10 5.04
CA VAL D 204 5.43 -16.93 4.11
C VAL D 204 4.23 -17.62 4.72
N ASN D 205 3.05 -17.28 4.22
CA ASN D 205 1.81 -17.86 4.71
C ASN D 205 1.14 -18.70 3.61
N HIS D 206 0.79 -19.93 3.93
CA HIS D 206 0.12 -20.84 3.00
C HIS D 206 -0.96 -21.55 3.81
N LYS D 207 -2.07 -20.84 4.03
CA LYS D 207 -3.17 -21.34 4.83
C LYS D 207 -3.61 -22.79 4.63
N PRO D 208 -3.69 -23.26 3.37
CA PRO D 208 -4.12 -24.64 3.14
C PRO D 208 -3.29 -25.73 3.84
N SER D 209 -2.00 -25.46 4.08
CA SER D 209 -1.14 -26.43 4.75
C SER D 209 -0.73 -25.93 6.14
N ASN D 210 -1.49 -24.95 6.64
CA ASN D 210 -1.22 -24.37 7.94
C ASN D 210 0.25 -23.96 8.04
N THR D 211 0.74 -23.28 7.01
CA THR D 211 2.12 -22.82 7.00
C THR D 211 2.25 -21.32 7.20
N LYS D 212 3.03 -20.95 8.20
CA LYS D 212 3.32 -19.56 8.49
C LYS D 212 4.79 -19.63 8.87
N VAL D 213 5.65 -19.22 7.95
CA VAL D 213 7.09 -19.26 8.16
C VAL D 213 7.78 -17.94 7.92
N ASP D 214 8.73 -17.61 8.80
CA ASP D 214 9.50 -16.39 8.66
C ASP D 214 10.91 -16.88 8.36
N LYS D 215 11.55 -16.31 7.35
CA LYS D 215 12.90 -16.73 7.00
C LYS D 215 13.84 -15.56 6.79
N LYS D 216 14.77 -15.41 7.72
CA LYS D 216 15.76 -14.35 7.67
C LYS D 216 16.71 -14.64 6.52
N VAL D 217 17.05 -13.62 5.74
CA VAL D 217 17.95 -13.76 4.61
C VAL D 217 19.22 -12.96 4.85
N GLU D 218 20.37 -13.64 4.84
CA GLU D 218 21.64 -12.94 5.06
C GLU D 218 22.73 -13.26 4.04
N PRO D 219 23.62 -12.29 3.79
CA PRO D 219 24.75 -12.38 2.86
C PRO D 219 25.61 -13.62 2.93
N LYS D 220 26.28 -13.91 1.82
CA LYS D 220 27.18 -15.06 1.71
C LYS D 220 27.81 -15.11 0.31
N SER D 221 28.33 -16.28 -0.06
CA SER D 221 28.96 -16.51 -1.36
C SER D 221 30.13 -15.56 -1.63
N CYS D 222 30.39 -15.31 -2.91
CA CYS D 222 31.47 -14.43 -3.33
C CYS D 222 31.03 -12.96 -3.16
C1 NDG E . 26.18 20.24 -12.42
C2 NDG E . 24.96 19.95 -11.56
C3 NDG E . 24.13 21.22 -11.41
C4 NDG E . 24.99 22.32 -10.80
C5 NDG E . 26.25 22.53 -11.66
C6 NDG E . 27.20 23.52 -11.05
C7 NDG E . 23.98 17.74 -11.52
C8 NDG E . 23.34 16.60 -12.30
O5 NDG E . 26.97 21.28 -11.81
O3 NDG E . 23.03 20.93 -10.53
O4 NDG E . 24.25 23.55 -10.68
O6 NDG E . 26.93 24.84 -11.50
O7 NDG E . 24.30 17.58 -10.34
N2 NDG E . 24.16 18.90 -12.16
O1 NDG E . 25.78 20.70 -13.66
C1 GAL E . 24.38 24.21 -9.46
C2 GAL E . 23.95 25.67 -9.56
C3 GAL E . 24.17 26.34 -8.20
C4 GAL E . 23.40 25.58 -7.12
C5 GAL E . 23.74 24.08 -7.17
C6 GAL E . 22.87 23.27 -6.24
O2 GAL E . 24.73 26.34 -10.56
O3 GAL E . 23.72 27.67 -8.25
O4 GAL E . 22.01 25.76 -7.32
O5 GAL E . 23.55 23.55 -8.50
O6 GAL E . 21.57 23.84 -6.15
C1 FUC E . 23.99 27.12 -11.45
C2 FUC E . 24.91 28.10 -12.17
C3 FUC E . 25.86 27.31 -13.07
C4 FUC E . 25.04 26.49 -14.07
C5 FUC E . 24.13 25.54 -13.29
C6 FUC E . 23.21 24.73 -14.20
O2 FUC E . 25.67 28.82 -11.20
O3 FUC E . 26.70 28.21 -13.77
O4 FUC E . 24.25 27.35 -14.86
O5 FUC E . 23.28 26.32 -12.40
C1 FUC E . 21.79 20.73 -11.16
C2 FUC E . 20.87 19.98 -10.21
C3 FUC E . 20.58 20.87 -8.99
C4 FUC E . 19.97 22.21 -9.45
C5 FUC E . 20.91 22.88 -10.46
C6 FUC E . 20.31 24.14 -11.06
O2 FUC E . 21.48 18.76 -9.79
O3 FUC E . 19.70 20.21 -8.08
O4 FUC E . 18.72 21.97 -10.08
O5 FUC E . 21.21 21.97 -11.55
ZN ZN F . -12.92 3.32 9.40
ZN ZN G . -11.29 8.93 40.38
ZN ZN H . 12.42 -2.97 -8.64
ZN ZN I . 23.80 -31.65 -16.43
C1 GOL J . -31.81 -4.08 -7.41
O1 GOL J . -31.13 -2.89 -8.26
C2 GOL J . -33.17 -4.39 -7.50
O2 GOL J . -33.52 -5.07 -8.61
C3 GOL J . -33.73 -3.97 -6.50
O3 GOL J . -33.48 -3.21 -5.15
#